data_8V68
#
_entry.id   8V68
#
_cell.length_a   229.473
_cell.length_b   229.473
_cell.length_c   67.605
_cell.angle_alpha   90.00
_cell.angle_beta   90.00
_cell.angle_gamma   120.00
#
_symmetry.space_group_name_H-M   'H 3'
#
loop_
_entity.id
_entity.type
_entity.pdbx_description
1 polymer Saxiphilin
2 non-polymer 'PENTAETHYLENE GLYCOL'
3 non-polymer (3aS,4R,7R,10aS)-2,6-diamino-4-(hydroxymethyl)-3a,4,8,9-tetrahydro-1H,10H-pyrrolo[1,2-c]purine-10,10-diol
4 water water
#
_entity_poly.entity_id   1
_entity_poly.type   'polypeptide(L)'
_entity_poly.pdbx_seq_one_letter_code
;MALTFHTALYFTIVGLSFAASDARHVQWCTISHLEQKKCNDLVGSCNVPDITLACVYRSSTENCMAAIKDGQADAMFLDS
GDVYKASLDHYNLKPIIAEPYSLHRELTKCLKHRQESLGGDKMVKGRYIPQCDEKGNYHPVQCHASTGYCWCVNANGEKI
EGTNTTPVQTPPTCPSQVLTKCLKERQEALGGKRIAIGRYIPQCDEQGNYRPMQCHGSTGYCWCVNAIGEKIEGTNTPPG
NTQPTCQSHDWDTCHYAVAVVKNSSTFQFGQLKGKRSCHSGLSKTDGWNAPVNVFVEKKLLPWDGLAKGSIERAVSKFFS
ASCIPGATETNLCKQCIGEEEKKCKSSHDEPYYGDHGAFRCLQEDKGDVAFLKNTALPDEHSGVYELLCPDNTRKPLNKY
KECNLGKVPADAVVTRKAGDKTKDINDFLLEAQKKKCKLFGSPHGKDLMFDDSTTHLAPLPSEIDAFFFLGVKWYNAMKA
LTEDVKLPSKNKVRWCTINKPEMMKCKDWAAVSGGAIACTEASCPEHCVKQILKGEADAVTLDVQYMYMALMCGLLPAVE
EYPNKDDFHPCQIPGSTIKDFGTKRAVALVKKSNKDIKWNNLKGKKSCHTHVGDIPGWVIPAGLISNQNDNIDIESFFGE
SCAPGSDTNSKLCKLCIGDPENPKASTRCSLSDKEAYYGNEGAFRCLVEKGDVAFVPHTVVFANTDGKNPAEWAKDLKSE
DFEILCLDGSRAPVTNYRGCNLSGLPPRAIVTREESVSDVVRILINQQSLYGRNGFEKDMFQMFSSAKGQNLLFNDETQC
LIEFDRQPKDIMEDYFGVRYYTAVYSASRSAVPSELIPACTFKHCSNSLEVLFQ
;
_entity_poly.pdbx_strand_id   A
#
# COMPACT_ATOMS: atom_id res chain seq x y z
N ARG A 24 21.76 22.29 8.42
CA ARG A 24 20.87 21.16 8.69
C ARG A 24 21.55 20.15 9.61
N HIS A 25 20.81 19.70 10.62
CA HIS A 25 21.32 18.75 11.60
C HIS A 25 20.38 17.57 11.72
N VAL A 26 20.96 16.42 12.08
CA VAL A 26 20.20 15.24 12.46
C VAL A 26 20.76 14.74 13.78
N GLN A 27 19.91 14.69 14.81
CA GLN A 27 20.31 14.28 16.14
C GLN A 27 19.86 12.85 16.36
N TRP A 28 20.80 11.92 16.40
CA TRP A 28 20.49 10.51 16.59
C TRP A 28 20.52 10.18 18.07
N CYS A 29 19.50 9.47 18.54
CA CYS A 29 19.43 9.04 19.93
C CYS A 29 20.05 7.64 20.05
N THR A 30 21.05 7.52 20.91
CA THR A 30 21.69 6.27 21.22
C THR A 30 21.26 5.80 22.60
N ILE A 31 21.20 4.48 22.78
CA ILE A 31 20.67 3.88 24.01
C ILE A 31 21.77 3.36 24.91
N SER A 32 23.04 3.52 24.55
CA SER A 32 24.10 2.89 25.33
C SER A 32 25.40 3.63 25.11
N HIS A 33 26.33 3.40 26.03
CA HIS A 33 27.69 3.93 25.89
C HIS A 33 28.34 3.42 24.62
N LEU A 34 28.19 2.13 24.33
CA LEU A 34 28.79 1.54 23.14
C LEU A 34 28.20 2.13 21.87
N GLU A 35 26.87 2.27 21.83
CA GLU A 35 26.22 2.84 20.66
C GLU A 35 26.63 4.29 20.44
N GLN A 36 26.66 5.08 21.52
CA GLN A 36 27.10 6.46 21.42
C GLN A 36 28.51 6.56 20.85
N LYS A 37 29.38 5.63 21.26
CA LYS A 37 30.75 5.60 20.74
C LYS A 37 30.76 5.35 19.23
N LYS A 38 29.93 4.41 18.76
CA LYS A 38 29.85 4.18 17.32
C LYS A 38 29.27 5.39 16.60
N CYS A 39 28.21 5.97 17.14
CA CYS A 39 27.62 7.14 16.50
C CYS A 39 28.61 8.29 16.46
N ASN A 40 29.42 8.44 17.51
CA ASN A 40 30.45 9.48 17.52
C ASN A 40 31.48 9.25 16.43
N ASP A 41 31.86 7.99 16.19
CA ASP A 41 32.80 7.69 15.11
C ASP A 41 32.23 8.12 13.77
N LEU A 42 30.93 7.91 13.56
CA LEU A 42 30.32 8.29 12.28
C LEU A 42 30.28 9.80 12.10
N VAL A 43 30.16 10.56 13.19
CA VAL A 43 30.21 12.02 13.09
C VAL A 43 31.52 12.45 12.45
N GLY A 44 32.63 11.81 12.83
CA GLY A 44 33.92 12.14 12.28
C GLY A 44 34.19 11.51 10.92
N SER A 45 33.84 10.24 10.77
CA SER A 45 34.24 9.51 9.57
C SER A 45 33.30 9.75 8.39
N CYS A 46 32.01 9.89 8.64
CA CYS A 46 31.03 10.04 7.57
C CYS A 46 30.81 11.53 7.31
N ASN A 47 31.26 11.99 6.14
CA ASN A 47 31.10 13.37 5.73
C ASN A 47 29.99 13.46 4.70
N VAL A 48 28.80 13.81 5.15
CA VAL A 48 27.67 14.12 4.27
C VAL A 48 27.55 15.64 4.20
N PRO A 49 27.75 16.25 3.03
CA PRO A 49 27.62 17.71 2.95
C PRO A 49 26.19 18.15 3.24
N ASP A 50 26.07 19.43 3.62
CA ASP A 50 24.80 20.09 3.93
C ASP A 50 24.10 19.55 5.18
N ILE A 51 24.46 18.36 5.65
CA ILE A 51 23.76 17.73 6.77
C ILE A 51 24.78 17.19 7.76
N THR A 52 24.70 17.67 9.00
CA THR A 52 25.63 17.26 10.06
C THR A 52 24.93 16.32 11.02
N LEU A 53 25.59 15.23 11.37
CA LEU A 53 25.07 14.26 12.32
C LEU A 53 25.55 14.59 13.73
N ALA A 54 24.67 14.39 14.71
CA ALA A 54 25.02 14.54 16.11
C ALA A 54 24.37 13.41 16.90
N CYS A 55 24.98 13.09 18.04
CA CYS A 55 24.57 11.93 18.83
C CYS A 55 24.16 12.37 20.23
N VAL A 56 23.02 11.88 20.69
CA VAL A 56 22.46 12.22 21.99
C VAL A 56 22.30 10.93 22.78
N TYR A 57 22.99 10.84 23.92
CA TYR A 57 22.93 9.64 24.74
C TYR A 57 21.70 9.64 25.64
N ARG A 58 21.05 8.47 25.71
CA ARG A 58 20.09 8.16 26.75
C ARG A 58 20.34 6.73 27.20
N SER A 59 19.79 6.35 28.34
CA SER A 59 20.17 5.11 29.01
C SER A 59 19.39 3.89 28.55
N SER A 60 18.33 4.06 27.76
CA SER A 60 17.52 2.91 27.37
C SER A 60 16.69 3.28 26.14
N THR A 61 16.09 2.25 25.55
CA THR A 61 15.23 2.46 24.38
C THR A 61 14.08 3.39 24.70
N GLU A 62 13.44 3.22 25.87
CA GLU A 62 12.27 4.02 26.21
C GLU A 62 12.65 5.48 26.47
N ASN A 63 13.81 5.70 27.09
CA ASN A 63 14.26 7.07 27.32
C ASN A 63 14.57 7.78 26.01
N CYS A 64 15.06 7.05 25.00
CA CYS A 64 15.28 7.65 23.69
C CYS A 64 13.97 7.97 23.00
N MET A 65 12.99 7.08 23.11
CA MET A 65 11.68 7.35 22.54
C MET A 65 11.07 8.63 23.11
N ALA A 66 11.22 8.83 24.43
CA ALA A 66 10.75 10.06 25.04
C ALA A 66 11.55 11.26 24.56
N ALA A 67 12.86 11.07 24.37
CA ALA A 67 13.71 12.17 23.89
C ALA A 67 13.30 12.62 22.50
N ILE A 68 12.93 11.68 21.63
CA ILE A 68 12.49 12.05 20.29
C ILE A 68 11.14 12.76 20.33
N LYS A 69 10.22 12.25 21.16
CA LYS A 69 8.93 12.92 21.33
C LYS A 69 9.11 14.36 21.82
N ASP A 70 10.07 14.59 22.70
CA ASP A 70 10.28 15.90 23.32
C ASP A 70 11.17 16.81 22.49
N GLY A 71 11.73 16.34 21.39
CA GLY A 71 12.61 17.15 20.57
C GLY A 71 14.06 17.15 21.00
N GLN A 72 14.42 16.37 22.02
CA GLN A 72 15.84 16.25 22.38
C GLN A 72 16.65 15.56 21.29
N ALA A 73 15.99 14.72 20.49
CA ALA A 73 16.65 14.01 19.39
C ALA A 73 15.63 13.83 18.28
N ASP A 74 16.11 13.32 17.14
CA ASP A 74 15.28 13.22 15.95
C ASP A 74 15.00 11.81 15.47
N ALA A 75 15.89 10.86 15.71
CA ALA A 75 15.72 9.55 15.08
C ALA A 75 16.43 8.47 15.87
N MET A 76 15.89 7.26 15.78
CA MET A 76 16.55 6.06 16.26
C MET A 76 16.00 4.86 15.48
N PHE A 77 16.74 3.77 15.55
CA PHE A 77 16.35 2.51 14.92
C PHE A 77 15.65 1.64 15.97
N LEU A 78 14.49 1.09 15.61
CA LEU A 78 13.65 0.38 16.58
C LEU A 78 13.28 -1.00 16.06
N ASP A 79 13.36 -1.98 16.96
CA ASP A 79 12.72 -3.27 16.73
C ASP A 79 11.24 -3.08 16.45
N SER A 80 10.68 -3.99 15.63
CA SER A 80 9.27 -3.89 15.26
C SER A 80 8.36 -3.83 16.49
N GLY A 81 8.72 -4.55 17.56
CA GLY A 81 7.94 -4.48 18.77
C GLY A 81 7.90 -3.08 19.36
N ASP A 82 9.05 -2.39 19.36
CA ASP A 82 9.11 -1.02 19.83
C ASP A 82 8.48 -0.04 18.84
N VAL A 83 8.52 -0.35 17.55
CA VAL A 83 7.80 0.45 16.57
C VAL A 83 6.31 0.51 16.93
N TYR A 84 5.75 -0.62 17.34
CA TYR A 84 4.36 -0.64 17.77
C TYR A 84 4.18 0.20 19.04
N LYS A 85 5.05 -0.02 20.03
CA LYS A 85 4.92 0.70 21.30
C LYS A 85 5.09 2.21 21.10
N ALA A 86 6.03 2.60 20.22
CA ALA A 86 6.27 4.02 19.97
C ALA A 86 5.12 4.69 19.22
N SER A 87 4.28 3.92 18.53
CA SER A 87 3.17 4.48 17.78
C SER A 87 2.00 4.88 18.68
N LEU A 88 1.99 4.45 19.93
CA LEU A 88 0.89 4.79 20.82
C LEU A 88 1.03 6.24 21.31
N ASP A 89 -0.07 6.77 21.85
CA ASP A 89 -0.16 8.19 22.15
C ASP A 89 0.88 8.66 23.17
N HIS A 90 1.49 7.74 23.92
CA HIS A 90 2.51 8.14 24.89
C HIS A 90 3.73 8.73 24.20
N TYR A 91 4.05 8.29 22.99
CA TYR A 91 5.25 8.71 22.28
C TYR A 91 4.97 9.32 20.92
N ASN A 92 4.00 8.77 20.19
CA ASN A 92 3.55 9.34 18.91
C ASN A 92 4.70 9.42 17.90
N LEU A 93 5.39 8.29 17.72
CA LEU A 93 6.44 8.14 16.72
C LEU A 93 5.95 7.25 15.60
N LYS A 94 6.60 7.36 14.44
CA LYS A 94 6.21 6.60 13.27
C LYS A 94 7.44 6.10 12.53
N PRO A 95 7.34 4.94 11.88
CA PRO A 95 8.47 4.45 11.09
C PRO A 95 8.57 5.22 9.77
N ILE A 96 9.81 5.51 9.38
CA ILE A 96 10.04 6.24 8.12
C ILE A 96 11.05 5.56 7.20
N ILE A 97 11.96 4.73 7.70
CA ILE A 97 13.01 4.12 6.90
C ILE A 97 13.21 2.68 7.34
N ALA A 98 13.39 1.77 6.38
CA ALA A 98 13.58 0.36 6.70
C ALA A 98 14.24 -0.34 5.53
N GLU A 99 14.79 -1.53 5.81
CA GLU A 99 15.37 -2.36 4.76
C GLU A 99 14.26 -3.05 3.96
N PRO A 100 14.22 -2.90 2.64
CA PRO A 100 13.21 -3.60 1.85
C PRO A 100 13.37 -5.11 1.95
N TYR A 101 12.25 -5.82 1.90
CA TYR A 101 12.24 -7.28 1.92
C TYR A 101 11.27 -7.80 0.88
N SER A 102 11.35 -9.10 0.65
CA SER A 102 10.58 -9.80 -0.38
C SER A 102 9.92 -11.03 0.23
N LEU A 103 8.70 -11.33 -0.24
CA LEU A 103 7.96 -12.50 0.22
C LEU A 103 8.11 -13.70 -0.70
N HIS A 104 8.05 -13.47 -2.01
CA HIS A 104 8.18 -14.53 -3.00
C HIS A 104 8.61 -13.89 -4.31
N ARG A 105 9.00 -14.74 -5.26
CA ARG A 105 9.32 -14.23 -6.59
C ARG A 105 8.07 -13.68 -7.26
N GLU A 106 8.23 -12.55 -7.94
CA GLU A 106 7.14 -11.90 -8.63
C GLU A 106 7.50 -11.73 -10.11
N LEU A 107 6.46 -11.57 -10.93
CA LEU A 107 6.65 -11.20 -12.31
C LEU A 107 7.43 -9.89 -12.39
N THR A 108 8.26 -9.76 -13.43
CA THR A 108 8.92 -8.49 -13.65
C THR A 108 7.87 -7.42 -13.97
N LYS A 109 8.24 -6.17 -13.72
CA LYS A 109 7.28 -5.09 -13.88
C LYS A 109 6.85 -4.96 -15.34
N CYS A 110 7.79 -5.08 -16.27
CA CYS A 110 7.45 -4.98 -17.69
C CYS A 110 6.48 -6.06 -18.13
N LEU A 111 6.71 -7.30 -17.70
CA LEU A 111 5.84 -8.40 -18.11
C LEU A 111 4.45 -8.27 -17.49
N LYS A 112 4.38 -7.81 -16.24
CA LYS A 112 3.08 -7.52 -15.64
C LYS A 112 2.36 -6.42 -16.41
N HIS A 113 3.06 -5.34 -16.71
CA HIS A 113 2.49 -4.24 -17.48
C HIS A 113 2.01 -4.72 -18.85
N ARG A 114 2.81 -5.57 -19.52
CA ARG A 114 2.39 -6.14 -20.79
C ARG A 114 1.08 -6.91 -20.64
N GLN A 115 1.01 -7.76 -19.61
CA GLN A 115 -0.18 -8.58 -19.40
C GLN A 115 -1.41 -7.72 -19.11
N GLU A 116 -1.27 -6.70 -18.27
CA GLU A 116 -2.41 -5.85 -17.95
C GLU A 116 -2.89 -5.09 -19.16
N SER A 117 -1.96 -4.50 -19.93
CA SER A 117 -2.36 -3.73 -21.10
C SER A 117 -2.94 -4.61 -22.19
N LEU A 118 -2.47 -5.85 -22.31
CA LEU A 118 -3.06 -6.77 -23.28
C LEU A 118 -4.42 -7.26 -22.83
N GLY A 119 -4.72 -7.24 -21.54
CA GLY A 119 -6.01 -7.59 -21.02
C GLY A 119 -7.02 -6.46 -20.99
N GLY A 120 -6.67 -5.29 -21.49
CA GLY A 120 -7.58 -4.18 -21.54
C GLY A 120 -8.64 -4.35 -22.62
N ASP A 121 -9.55 -3.39 -22.66
CA ASP A 121 -10.68 -3.44 -23.59
C ASP A 121 -10.17 -3.24 -25.02
N LYS A 122 -10.39 -4.24 -25.86
CA LYS A 122 -9.86 -4.20 -27.23
C LYS A 122 -10.57 -3.14 -28.08
N MET A 123 -11.76 -2.69 -27.68
CA MET A 123 -12.41 -1.62 -28.42
C MET A 123 -11.76 -0.26 -28.17
N VAL A 124 -10.94 -0.13 -27.14
CA VAL A 124 -10.10 1.05 -26.94
C VAL A 124 -8.83 0.80 -27.74
N LYS A 125 -8.83 1.28 -28.99
CA LYS A 125 -7.76 0.95 -29.93
C LYS A 125 -6.55 1.86 -29.73
N GLY A 126 -5.40 1.39 -30.20
CA GLY A 126 -4.19 2.19 -30.23
C GLY A 126 -3.58 2.49 -28.88
N ARG A 127 -3.60 1.53 -27.96
CA ARG A 127 -3.04 1.73 -26.64
C ARG A 127 -1.58 1.28 -26.60
N TYR A 128 -0.82 1.87 -25.68
CA TYR A 128 0.59 1.54 -25.54
C TYR A 128 0.76 0.17 -24.90
N ILE A 129 1.52 -0.70 -25.55
CA ILE A 129 1.86 -2.02 -25.03
C ILE A 129 3.37 -2.05 -24.84
N PRO A 130 3.87 -2.22 -23.63
CA PRO A 130 5.32 -2.11 -23.39
C PRO A 130 6.10 -3.20 -24.12
N GLN A 131 7.37 -2.89 -24.38
CA GLN A 131 8.30 -3.81 -25.03
C GLN A 131 9.31 -4.28 -23.98
N CYS A 132 9.34 -5.58 -23.74
CA CYS A 132 10.23 -6.18 -22.75
C CYS A 132 11.34 -6.97 -23.43
N ASP A 133 12.48 -7.07 -22.75
CA ASP A 133 13.65 -7.76 -23.30
C ASP A 133 13.70 -9.21 -22.80
N GLU A 134 14.76 -9.91 -23.19
CA GLU A 134 14.88 -11.34 -22.93
C GLU A 134 14.98 -11.67 -21.44
N LYS A 135 15.26 -10.69 -20.58
CA LYS A 135 15.22 -10.88 -19.14
C LYS A 135 13.91 -10.44 -18.53
N GLY A 136 12.98 -9.93 -19.33
CA GLY A 136 11.70 -9.46 -18.84
C GLY A 136 11.67 -8.03 -18.38
N ASN A 137 12.75 -7.27 -18.57
CA ASN A 137 12.75 -5.87 -18.18
C ASN A 137 12.40 -4.98 -19.37
N TYR A 138 12.13 -3.71 -19.06
CA TYR A 138 11.81 -2.74 -20.10
C TYR A 138 13.04 -2.47 -20.97
N HIS A 139 12.85 -2.53 -22.28
CA HIS A 139 13.81 -1.91 -23.18
C HIS A 139 13.93 -0.45 -22.81
N PRO A 140 15.13 0.11 -22.69
CA PRO A 140 15.25 1.54 -22.36
C PRO A 140 14.51 2.44 -23.32
N VAL A 141 14.42 2.05 -24.59
CA VAL A 141 13.61 2.77 -25.57
C VAL A 141 12.24 2.11 -25.61
N GLN A 142 11.20 2.88 -25.31
CA GLN A 142 9.82 2.44 -25.43
C GLN A 142 9.14 3.22 -26.54
N CYS A 143 8.24 2.56 -27.26
CA CYS A 143 7.59 3.18 -28.39
C CYS A 143 6.10 2.86 -28.38
N HIS A 144 5.33 3.74 -29.01
CA HIS A 144 3.88 3.63 -29.10
C HIS A 144 3.53 3.38 -30.56
N ALA A 145 3.09 2.15 -30.85
CA ALA A 145 2.97 1.71 -32.24
C ALA A 145 2.02 2.60 -33.03
N SER A 146 0.83 2.87 -32.49
CA SER A 146 -0.19 3.60 -33.24
C SER A 146 0.19 5.06 -33.49
N THR A 147 1.13 5.62 -32.73
CA THR A 147 1.53 7.01 -32.92
C THR A 147 2.96 7.19 -33.42
N GLY A 148 3.78 6.15 -33.37
CA GLY A 148 5.16 6.28 -33.78
C GLY A 148 6.04 7.06 -32.82
N TYR A 149 5.51 7.45 -31.66
CA TYR A 149 6.31 8.16 -30.67
C TYR A 149 7.16 7.18 -29.87
N CYS A 150 8.39 7.59 -29.57
CA CYS A 150 9.28 6.82 -28.72
C CYS A 150 9.82 7.70 -27.61
N TRP A 151 10.31 7.06 -26.54
CA TRP A 151 10.84 7.79 -25.39
C TRP A 151 11.72 6.86 -24.58
N CYS A 152 12.44 7.44 -23.63
CA CYS A 152 13.26 6.69 -22.69
C CYS A 152 12.49 6.43 -21.41
N VAL A 153 12.83 5.33 -20.74
CA VAL A 153 12.20 4.95 -19.48
C VAL A 153 13.27 4.57 -18.47
N ASN A 154 12.90 4.65 -17.19
CA ASN A 154 13.74 4.13 -16.12
C ASN A 154 13.43 2.64 -15.95
N ALA A 155 14.03 2.02 -14.93
CA ALA A 155 13.81 0.59 -14.70
C ALA A 155 12.36 0.25 -14.41
N ASN A 156 11.59 1.20 -13.88
CA ASN A 156 10.17 0.99 -13.60
C ASN A 156 9.28 1.25 -14.81
N GLY A 157 9.87 1.45 -15.98
CA GLY A 157 9.09 1.73 -17.18
C GLY A 157 8.41 3.07 -17.19
N GLU A 158 8.84 3.99 -16.33
CA GLU A 158 8.26 5.32 -16.27
C GLU A 158 9.02 6.24 -17.23
N LYS A 159 8.26 7.00 -18.03
CA LYS A 159 8.85 7.86 -19.04
C LYS A 159 9.82 8.87 -18.41
N ILE A 160 10.99 8.98 -18.99
CA ILE A 160 11.88 10.12 -18.70
C ILE A 160 11.32 11.31 -19.44
N GLU A 161 10.71 12.23 -18.70
CA GLU A 161 10.01 13.35 -19.33
C GLU A 161 11.00 14.22 -20.12
N GLY A 162 10.60 14.60 -21.32
CA GLY A 162 11.44 15.37 -22.20
C GLY A 162 12.31 14.57 -23.16
N THR A 163 12.07 13.27 -23.29
CA THR A 163 12.79 12.44 -24.25
C THR A 163 11.91 11.96 -25.39
N ASN A 164 10.66 12.43 -25.46
CA ASN A 164 9.76 12.05 -26.54
C ASN A 164 10.36 12.41 -27.89
N THR A 165 10.29 11.47 -28.84
CA THR A 165 10.67 11.72 -30.22
C THR A 165 9.54 11.29 -31.14
N THR A 166 9.22 12.14 -32.11
CA THR A 166 8.16 11.90 -33.07
C THR A 166 8.61 10.89 -34.13
N PRO A 167 7.66 10.26 -34.83
CA PRO A 167 8.07 9.24 -35.83
C PRO A 167 8.92 9.80 -36.96
N VAL A 168 8.91 11.12 -37.20
CA VAL A 168 9.76 11.68 -38.24
C VAL A 168 11.22 11.62 -37.86
N GLN A 169 11.53 11.39 -36.59
CA GLN A 169 12.91 11.27 -36.13
C GLN A 169 13.25 9.82 -35.81
N THR A 170 14.54 9.53 -35.83
CA THR A 170 15.07 8.26 -35.35
C THR A 170 14.74 8.11 -33.86
N PRO A 171 14.58 6.88 -33.38
CA PRO A 171 14.27 6.71 -31.96
C PRO A 171 15.41 7.22 -31.09
N PRO A 172 15.12 7.66 -29.87
CA PRO A 172 16.13 8.33 -29.07
C PRO A 172 17.20 7.37 -28.59
N THR A 173 18.32 7.95 -28.17
CA THR A 173 19.39 7.19 -27.54
C THR A 173 19.19 7.24 -26.03
N CYS A 174 18.92 6.08 -25.43
CA CYS A 174 18.60 6.05 -24.02
C CYS A 174 19.68 5.29 -23.26
N PRO A 175 19.99 5.71 -22.03
CA PRO A 175 21.04 5.02 -21.26
C PRO A 175 20.64 3.58 -20.97
N SER A 176 21.66 2.74 -20.82
CA SER A 176 21.41 1.34 -20.52
C SER A 176 20.75 1.20 -19.15
N GLN A 177 20.06 0.08 -18.97
CA GLN A 177 19.37 -0.17 -17.71
C GLN A 177 20.36 -0.35 -16.58
N VAL A 178 19.94 0.05 -15.38
CA VAL A 178 20.78 -0.13 -14.20
C VAL A 178 21.01 -1.61 -13.95
N LEU A 179 22.25 -1.97 -13.67
CA LEU A 179 22.60 -3.37 -13.44
C LEU A 179 21.86 -3.94 -12.24
N THR A 180 21.72 -5.27 -12.23
CA THR A 180 21.19 -5.95 -11.07
C THR A 180 22.12 -5.76 -9.87
N LYS A 181 21.61 -6.09 -8.68
CA LYS A 181 22.42 -5.98 -7.47
C LYS A 181 23.71 -6.78 -7.59
N CYS A 182 23.62 -8.02 -8.09
CA CYS A 182 24.79 -8.87 -8.17
C CYS A 182 25.82 -8.32 -9.16
N LEU A 183 25.36 -7.98 -10.37
CA LEU A 183 26.28 -7.41 -11.35
C LEU A 183 26.79 -6.05 -10.92
N LYS A 184 25.98 -5.30 -10.16
CA LYS A 184 26.40 -3.98 -9.71
C LYS A 184 27.53 -4.13 -8.70
N GLU A 185 27.35 -5.06 -7.75
CA GLU A 185 28.34 -5.27 -6.70
C GLU A 185 29.55 -6.02 -7.24
N ARG A 186 29.37 -6.81 -8.30
CA ARG A 186 30.51 -7.41 -8.99
C ARG A 186 31.41 -6.33 -9.58
N GLN A 187 30.81 -5.34 -10.23
CA GLN A 187 31.62 -4.27 -10.83
C GLN A 187 32.21 -3.35 -9.76
N GLU A 188 31.52 -3.17 -8.63
CA GLU A 188 32.13 -2.45 -7.51
C GLU A 188 33.32 -3.22 -6.96
N ALA A 189 33.13 -4.51 -6.66
CA ALA A 189 34.21 -5.32 -6.13
C ALA A 189 35.43 -5.26 -7.04
N LEU A 190 35.22 -5.35 -8.35
CA LEU A 190 36.32 -5.17 -9.29
C LEU A 190 36.86 -3.75 -9.22
N GLY A 191 35.97 -2.76 -9.24
CA GLY A 191 36.35 -1.36 -9.06
C GLY A 191 37.39 -0.86 -10.03
N GLY A 192 37.06 -0.84 -11.31
CA GLY A 192 38.02 -0.44 -12.33
C GLY A 192 39.00 -1.53 -12.74
N LYS A 193 39.62 -2.18 -11.76
CA LYS A 193 40.54 -3.27 -12.04
C LYS A 193 39.79 -4.43 -12.69
N ARG A 194 40.55 -5.28 -13.37
CA ARG A 194 39.99 -6.47 -14.01
C ARG A 194 39.94 -7.67 -13.07
N ILE A 195 40.58 -7.58 -11.90
CA ILE A 195 40.52 -8.63 -10.89
C ILE A 195 40.83 -8.02 -9.52
N ALA A 196 39.89 -8.15 -8.59
CA ALA A 196 40.11 -7.70 -7.21
C ALA A 196 40.73 -8.85 -6.45
N ILE A 197 42.05 -8.79 -6.30
CA ILE A 197 42.82 -9.93 -5.80
C ILE A 197 42.64 -10.03 -4.30
N GLY A 198 42.36 -11.24 -3.82
CA GLY A 198 42.25 -11.47 -2.39
C GLY A 198 40.92 -11.08 -1.76
N ARG A 199 39.96 -10.63 -2.56
CA ARG A 199 38.68 -10.19 -2.04
C ARG A 199 37.54 -10.96 -2.69
N TYR A 200 36.42 -11.03 -1.98
CA TYR A 200 35.24 -11.74 -2.46
C TYR A 200 34.63 -11.02 -3.65
N ILE A 201 34.43 -11.76 -4.74
CA ILE A 201 33.74 -11.28 -5.93
C ILE A 201 32.48 -12.13 -6.09
N PRO A 202 31.29 -11.53 -6.03
CA PRO A 202 30.05 -12.32 -6.11
C PRO A 202 29.94 -12.99 -7.46
N GLN A 203 29.31 -14.16 -7.44
CA GLN A 203 29.08 -14.95 -8.64
C GLN A 203 27.60 -14.90 -8.98
N CYS A 204 27.28 -14.46 -10.19
CA CYS A 204 25.91 -14.22 -10.61
C CYS A 204 25.48 -15.24 -11.64
N ASP A 205 24.16 -15.47 -11.73
CA ASP A 205 23.62 -16.39 -12.72
C ASP A 205 23.35 -15.62 -14.02
N GLU A 206 22.56 -16.20 -14.92
CA GLU A 206 22.34 -15.56 -16.22
C GLU A 206 21.23 -14.53 -16.21
N GLN A 207 20.30 -14.60 -15.26
CA GLN A 207 19.33 -13.54 -15.08
C GLN A 207 19.89 -12.37 -14.26
N GLY A 208 21.15 -12.44 -13.85
CA GLY A 208 21.74 -11.38 -13.08
C GLY A 208 21.49 -11.46 -11.59
N ASN A 209 20.91 -12.56 -11.11
CA ASN A 209 20.73 -12.77 -9.69
C ASN A 209 21.87 -13.61 -9.12
N TYR A 210 21.95 -13.64 -7.81
CA TYR A 210 23.04 -14.34 -7.13
C TYR A 210 22.91 -15.85 -7.31
N ARG A 211 24.02 -16.49 -7.67
CA ARG A 211 24.05 -17.95 -7.61
C ARG A 211 23.80 -18.40 -6.18
N PRO A 212 23.05 -19.50 -5.98
CA PRO A 212 22.77 -19.95 -4.61
C PRO A 212 24.04 -20.21 -3.80
N MET A 213 25.04 -20.81 -4.41
CA MET A 213 26.32 -21.07 -3.76
C MET A 213 27.31 -19.96 -4.10
N GLN A 214 27.90 -19.36 -3.07
CA GLN A 214 28.95 -18.36 -3.23
C GLN A 214 30.22 -18.87 -2.58
N CYS A 215 31.35 -18.55 -3.17
CA CYS A 215 32.63 -18.97 -2.63
C CYS A 215 33.60 -17.79 -2.64
N HIS A 216 34.48 -17.76 -1.64
CA HIS A 216 35.51 -16.74 -1.54
C HIS A 216 36.72 -17.19 -2.34
N GLY A 217 37.11 -16.41 -3.34
CA GLY A 217 38.15 -16.82 -4.27
C GLY A 217 39.53 -16.94 -3.68
N SER A 218 39.73 -16.56 -2.42
CA SER A 218 41.05 -16.60 -1.81
C SER A 218 41.11 -17.47 -0.56
N THR A 219 40.07 -17.45 0.28
CA THR A 219 40.06 -18.27 1.49
C THR A 219 39.58 -19.68 1.25
N GLY A 220 38.84 -19.92 0.16
CA GLY A 220 38.27 -21.23 -0.10
C GLY A 220 36.96 -21.50 0.61
N TYR A 221 36.48 -20.57 1.43
CA TYR A 221 35.20 -20.73 2.10
C TYR A 221 34.05 -20.64 1.08
N CYS A 222 32.97 -21.36 1.38
CA CYS A 222 31.76 -21.30 0.57
C CYS A 222 30.54 -21.25 1.49
N TRP A 223 29.46 -20.67 0.97
CA TRP A 223 28.24 -20.50 1.76
C TRP A 223 27.08 -20.30 0.78
N CYS A 224 25.87 -20.27 1.34
CA CYS A 224 24.66 -20.07 0.55
C CYS A 224 24.13 -18.66 0.73
N VAL A 225 23.49 -18.15 -0.32
CA VAL A 225 22.80 -16.87 -0.30
C VAL A 225 21.43 -17.05 -0.95
N ASN A 226 20.49 -16.18 -0.57
CA ASN A 226 19.22 -16.19 -1.28
C ASN A 226 19.36 -15.39 -2.58
N ALA A 227 18.24 -15.22 -3.29
CA ALA A 227 18.30 -14.67 -4.64
C ALA A 227 18.76 -13.21 -4.66
N ILE A 228 18.61 -12.47 -3.56
CA ILE A 228 19.08 -11.10 -3.49
C ILE A 228 20.42 -10.99 -2.75
N GLY A 229 21.10 -12.12 -2.55
CA GLY A 229 22.45 -12.11 -2.03
C GLY A 229 22.59 -12.05 -0.54
N GLU A 230 21.51 -12.24 0.22
CA GLU A 230 21.61 -12.28 1.67
C GLU A 230 22.11 -13.65 2.10
N LYS A 231 23.06 -13.65 3.03
CA LYS A 231 23.71 -14.89 3.44
C LYS A 231 22.73 -15.76 4.22
N ILE A 232 22.73 -17.06 3.95
CA ILE A 232 21.95 -18.01 4.72
C ILE A 232 22.80 -18.43 5.92
N GLU A 233 22.28 -18.19 7.13
CA GLU A 233 23.03 -18.56 8.33
C GLU A 233 23.15 -20.08 8.43
N GLY A 234 24.25 -20.52 9.07
CA GLY A 234 24.50 -21.93 9.22
C GLY A 234 25.00 -22.63 7.98
N THR A 235 25.50 -21.90 6.98
CA THR A 235 25.99 -22.50 5.76
C THR A 235 27.45 -22.21 5.46
N ASN A 236 28.12 -21.35 6.23
CA ASN A 236 29.51 -21.02 5.95
C ASN A 236 30.39 -22.23 6.17
N THR A 237 31.20 -22.57 5.17
CA THR A 237 31.90 -23.84 5.13
C THR A 237 33.38 -23.63 4.81
N PRO A 238 34.30 -23.99 5.70
CA PRO A 238 35.73 -23.87 5.39
C PRO A 238 36.13 -24.83 4.28
N PRO A 239 37.20 -24.54 3.55
CA PRO A 239 37.62 -25.45 2.48
C PRO A 239 37.95 -26.82 3.03
N GLY A 240 37.67 -27.84 2.23
CA GLY A 240 37.86 -29.22 2.62
C GLY A 240 36.68 -29.87 3.30
N ASN A 241 35.59 -29.14 3.51
CA ASN A 241 34.39 -29.67 4.15
C ASN A 241 33.23 -29.72 3.19
N THR A 242 32.23 -30.53 3.54
CA THR A 242 31.00 -30.61 2.77
C THR A 242 30.09 -29.44 3.10
N GLN A 243 29.67 -28.72 2.06
CA GLN A 243 28.78 -27.58 2.22
C GLN A 243 27.32 -28.05 2.17
N PRO A 244 26.45 -27.45 2.99
CA PRO A 244 25.03 -27.75 2.90
C PRO A 244 24.49 -27.46 1.52
N THR A 245 23.37 -28.12 1.19
CA THR A 245 22.68 -27.83 -0.05
C THR A 245 22.12 -26.41 0.02
N CYS A 246 22.35 -25.64 -1.04
CA CYS A 246 21.84 -24.27 -1.14
C CYS A 246 20.56 -24.29 -1.96
N GLN A 247 19.49 -23.77 -1.39
CA GLN A 247 18.21 -23.68 -2.08
C GLN A 247 18.28 -22.66 -3.21
N SER A 248 17.70 -23.00 -4.36
CA SER A 248 17.65 -22.06 -5.47
C SER A 248 16.34 -21.29 -5.46
N HIS A 249 16.36 -20.13 -6.10
CA HIS A 249 15.17 -19.27 -6.25
C HIS A 249 14.52 -18.95 -4.90
N ASP A 250 15.36 -18.57 -3.94
CA ASP A 250 14.90 -18.21 -2.60
C ASP A 250 14.64 -16.72 -2.58
N TRP A 251 13.36 -16.34 -2.64
CA TRP A 251 12.95 -14.93 -2.58
C TRP A 251 12.20 -14.61 -1.30
N ASP A 252 12.23 -15.50 -0.31
CA ASP A 252 11.64 -15.26 1.00
C ASP A 252 12.71 -14.64 1.89
N THR A 253 12.68 -13.31 2.03
CA THR A 253 13.71 -12.60 2.78
C THR A 253 13.20 -11.98 4.08
N CYS A 254 12.00 -12.37 4.52
CA CYS A 254 11.55 -11.97 5.85
C CYS A 254 12.44 -12.61 6.91
N HIS A 255 12.57 -11.94 8.05
CA HIS A 255 13.30 -12.50 9.17
C HIS A 255 12.41 -13.44 9.97
N TYR A 256 13.02 -14.45 10.58
CA TYR A 256 12.30 -15.49 11.31
C TYR A 256 12.74 -15.49 12.76
N ALA A 257 11.76 -15.50 13.66
CA ALA A 257 12.06 -15.72 15.07
C ALA A 257 12.40 -17.20 15.29
N VAL A 258 13.47 -17.45 16.03
CA VAL A 258 13.92 -18.82 16.28
C VAL A 258 14.29 -18.98 17.74
N ALA A 259 14.27 -20.24 18.19
CA ALA A 259 14.78 -20.63 19.49
C ALA A 259 16.03 -21.47 19.25
N VAL A 260 17.17 -21.00 19.76
CA VAL A 260 18.45 -21.67 19.54
C VAL A 260 18.88 -22.33 20.84
N VAL A 261 19.43 -23.54 20.73
CA VAL A 261 19.87 -24.33 21.87
C VAL A 261 21.21 -24.98 21.51
N LYS A 262 21.86 -25.53 22.52
CA LYS A 262 23.08 -26.29 22.30
C LYS A 262 22.74 -27.76 22.09
N ASN A 263 23.55 -28.42 21.25
CA ASN A 263 23.27 -29.83 20.97
C ASN A 263 23.62 -30.74 22.14
N SER A 264 24.19 -30.19 23.23
CA SER A 264 24.50 -30.99 24.41
C SER A 264 23.29 -31.17 25.32
N SER A 265 22.24 -30.38 25.15
CA SER A 265 20.98 -30.59 25.85
C SER A 265 20.07 -31.49 25.02
N THR A 266 18.99 -31.95 25.64
CA THR A 266 18.10 -32.92 24.99
C THR A 266 16.62 -32.58 25.11
N PHE A 267 16.24 -31.50 25.77
CA PHE A 267 14.83 -31.18 25.90
C PHE A 267 14.27 -30.67 24.57
N GLN A 268 12.96 -30.78 24.43
CA GLN A 268 12.23 -30.28 23.28
C GLN A 268 11.45 -29.02 23.67
N PHE A 269 10.81 -28.42 22.68
CA PHE A 269 10.10 -27.15 22.90
C PHE A 269 9.00 -27.31 23.95
N GLY A 270 8.28 -28.43 23.92
CA GLY A 270 7.19 -28.65 24.86
C GLY A 270 7.62 -28.85 26.29
N GLN A 271 8.91 -29.01 26.55
CA GLN A 271 9.44 -29.20 27.90
C GLN A 271 10.18 -27.97 28.40
N LEU A 272 9.82 -26.79 27.89
CA LEU A 272 10.53 -25.56 28.26
C LEU A 272 10.22 -25.10 29.68
N LYS A 273 9.14 -25.61 30.30
CA LYS A 273 8.77 -25.17 31.63
C LYS A 273 9.90 -25.43 32.62
N GLY A 274 10.29 -24.40 33.35
CA GLY A 274 11.31 -24.50 34.37
C GLY A 274 12.74 -24.33 33.88
N LYS A 275 12.95 -24.14 32.58
CA LYS A 275 14.30 -23.96 32.07
C LYS A 275 14.75 -22.51 32.23
N ARG A 276 16.05 -22.29 31.98
CA ARG A 276 16.62 -20.95 31.95
C ARG A 276 16.66 -20.47 30.49
N SER A 277 16.30 -19.20 30.28
CA SER A 277 16.13 -18.69 28.94
C SER A 277 16.80 -17.33 28.79
N CYS A 278 17.26 -17.05 27.58
CA CYS A 278 17.83 -15.76 27.22
C CYS A 278 16.99 -15.16 26.10
N HIS A 279 16.49 -13.95 26.31
CA HIS A 279 15.64 -13.27 25.35
C HIS A 279 16.31 -11.99 24.91
N SER A 280 16.10 -11.61 23.65
CA SER A 280 16.69 -10.37 23.13
C SER A 280 16.18 -9.16 23.88
N GLY A 281 14.94 -9.20 24.36
CA GLY A 281 14.39 -8.10 25.13
C GLY A 281 12.90 -8.22 25.37
N LEU A 282 12.42 -7.58 26.44
CA LEU A 282 11.00 -7.67 26.78
C LEU A 282 10.11 -7.08 25.70
N SER A 283 10.59 -6.05 24.98
CA SER A 283 9.79 -5.37 23.99
C SER A 283 10.08 -5.84 22.57
N LYS A 284 11.03 -6.77 22.38
CA LYS A 284 11.38 -7.23 21.04
C LYS A 284 10.38 -8.27 20.55
N THR A 285 10.07 -8.21 19.26
CA THR A 285 9.14 -9.17 18.68
C THR A 285 9.74 -10.57 18.66
N ASP A 286 11.02 -10.70 18.30
CA ASP A 286 11.64 -12.02 18.25
C ASP A 286 11.98 -12.55 19.64
N GLY A 287 12.23 -11.66 20.60
CA GLY A 287 12.55 -12.08 21.95
C GLY A 287 11.37 -12.23 22.89
N TRP A 288 10.20 -11.70 22.53
CA TRP A 288 9.07 -11.73 23.42
C TRP A 288 7.78 -12.14 22.73
N ASN A 289 7.31 -11.31 21.80
CA ASN A 289 5.99 -11.55 21.19
C ASN A 289 5.93 -12.90 20.50
N ALA A 290 6.90 -13.21 19.64
CA ALA A 290 6.87 -14.48 18.93
C ALA A 290 6.92 -15.69 19.86
N PRO A 291 7.87 -15.82 20.79
CA PRO A 291 7.82 -16.99 21.69
C PRO A 291 6.58 -17.03 22.55
N VAL A 292 6.19 -15.89 23.14
CA VAL A 292 5.01 -15.85 23.98
C VAL A 292 3.76 -16.27 23.20
N ASN A 293 3.65 -15.78 21.95
CA ASN A 293 2.53 -16.18 21.10
C ASN A 293 2.46 -17.70 20.97
N VAL A 294 3.60 -18.35 20.78
CA VAL A 294 3.61 -19.81 20.63
C VAL A 294 3.35 -20.48 21.97
N PHE A 295 3.92 -19.94 23.06
CA PHE A 295 3.63 -20.48 24.39
C PHE A 295 2.13 -20.50 24.67
N VAL A 296 1.43 -19.44 24.26
CA VAL A 296 0.01 -19.33 24.56
C VAL A 296 -0.81 -20.27 23.69
N GLU A 297 -0.49 -20.34 22.40
CA GLU A 297 -1.26 -21.19 21.49
C GLU A 297 -1.06 -22.67 21.80
N LYS A 298 0.13 -23.05 22.26
CA LYS A 298 0.41 -24.42 22.66
C LYS A 298 0.01 -24.69 24.10
N LYS A 299 -0.56 -23.70 24.79
CA LYS A 299 -1.04 -23.83 26.18
C LYS A 299 0.07 -24.32 27.11
N LEU A 300 1.32 -24.00 26.79
CA LEU A 300 2.40 -24.19 27.75
C LEU A 300 2.29 -23.21 28.90
N LEU A 301 1.66 -22.07 28.65
CA LEU A 301 1.46 -21.00 29.63
C LEU A 301 0.03 -21.03 30.13
N PRO A 302 -0.19 -21.13 31.43
CA PRO A 302 -1.55 -20.99 31.96
C PRO A 302 -2.02 -19.55 31.89
N TRP A 303 -2.32 -19.08 30.68
CA TRP A 303 -2.71 -17.69 30.48
C TRP A 303 -3.48 -17.60 29.17
N ASP A 304 -4.45 -16.68 29.14
CA ASP A 304 -5.25 -16.47 27.94
C ASP A 304 -5.73 -15.03 27.83
N GLY A 305 -6.09 -14.43 28.97
CA GLY A 305 -6.57 -13.06 28.98
C GLY A 305 -6.00 -12.29 30.16
N LEU A 306 -6.25 -10.98 30.14
CA LEU A 306 -5.75 -10.10 31.19
C LEU A 306 -6.42 -10.37 32.53
N ALA A 307 -7.43 -11.24 32.58
CA ALA A 307 -8.01 -11.65 33.86
C ALA A 307 -7.07 -12.53 34.67
N LYS A 308 -6.15 -13.24 34.00
CA LYS A 308 -5.15 -14.05 34.67
C LYS A 308 -3.86 -13.30 34.93
N GLY A 309 -3.93 -11.99 35.11
CA GLY A 309 -2.76 -11.18 35.34
C GLY A 309 -2.08 -10.74 34.05
N SER A 310 -0.82 -10.36 34.19
CA SER A 310 -0.04 -9.92 33.05
C SER A 310 0.72 -11.09 32.42
N ILE A 311 1.05 -10.93 31.14
CA ILE A 311 1.83 -11.95 30.44
C ILE A 311 3.21 -12.10 31.07
N GLU A 312 3.79 -11.00 31.55
CA GLU A 312 5.13 -11.08 32.12
C GLU A 312 5.13 -11.89 33.41
N ARG A 313 4.07 -11.76 34.22
CA ARG A 313 3.95 -12.57 35.42
C ARG A 313 3.79 -14.04 35.09
N ALA A 314 2.98 -14.36 34.07
CA ALA A 314 2.81 -15.76 33.67
C ALA A 314 4.13 -16.33 33.17
N VAL A 315 4.88 -15.56 32.38
CA VAL A 315 6.19 -16.02 31.93
C VAL A 315 7.14 -16.15 33.12
N SER A 316 7.00 -15.29 34.13
CA SER A 316 7.82 -15.40 35.32
C SER A 316 7.60 -16.73 36.03
N LYS A 317 6.39 -17.26 35.97
CA LYS A 317 6.11 -18.57 36.55
C LYS A 317 6.60 -19.72 35.68
N PHE A 318 6.73 -19.49 34.39
CA PHE A 318 7.09 -20.56 33.45
C PHE A 318 8.57 -20.91 33.56
N PHE A 319 9.45 -19.93 33.34
CA PHE A 319 10.88 -20.15 33.43
C PHE A 319 11.34 -20.06 34.88
N SER A 320 12.42 -20.78 35.19
CA SER A 320 13.01 -20.69 36.52
C SER A 320 13.81 -19.40 36.68
N ALA A 321 14.63 -19.06 35.68
CA ALA A 321 15.43 -17.85 35.72
C ALA A 321 15.80 -17.48 34.29
N SER A 322 15.64 -16.20 33.95
CA SER A 322 15.89 -15.74 32.59
C SER A 322 16.62 -14.41 32.61
N CYS A 323 17.10 -14.01 31.43
CA CYS A 323 17.55 -12.64 31.19
C CYS A 323 16.67 -12.08 30.08
N ILE A 324 15.79 -11.15 30.45
CA ILE A 324 14.87 -10.51 29.51
C ILE A 324 14.97 -9.01 29.70
N PRO A 325 15.92 -8.34 29.04
CA PRO A 325 16.15 -6.91 29.28
C PRO A 325 14.87 -6.09 29.17
N GLY A 326 14.65 -5.24 30.17
CA GLY A 326 13.44 -4.45 30.27
C GLY A 326 12.39 -5.02 31.20
N ALA A 327 12.56 -6.26 31.65
CA ALA A 327 11.58 -6.89 32.52
C ALA A 327 11.69 -6.37 33.94
N THR A 328 10.58 -6.43 34.68
CA THR A 328 10.54 -6.00 36.07
C THR A 328 10.60 -7.15 37.05
N GLU A 329 10.04 -8.32 36.70
CA GLU A 329 10.08 -9.46 37.59
C GLU A 329 11.52 -9.88 37.85
N THR A 330 11.77 -10.34 39.08
CA THR A 330 13.14 -10.56 39.53
C THR A 330 13.79 -11.74 38.82
N ASN A 331 13.09 -12.88 38.75
CA ASN A 331 13.67 -14.05 38.12
C ASN A 331 13.87 -13.88 36.62
N LEU A 332 13.12 -12.98 35.99
CA LEU A 332 13.30 -12.69 34.57
C LEU A 332 14.47 -11.76 34.31
N CYS A 333 15.13 -11.26 35.36
CA CYS A 333 16.36 -10.48 35.22
C CYS A 333 17.54 -11.16 35.90
N LYS A 334 17.35 -12.36 36.45
CA LYS A 334 18.38 -13.00 37.27
C LYS A 334 19.62 -13.33 36.46
N GLN A 335 19.45 -13.75 35.20
CA GLN A 335 20.57 -14.22 34.40
C GLN A 335 21.32 -13.10 33.70
N CYS A 336 20.80 -11.88 33.68
CA CYS A 336 21.51 -10.76 33.07
C CYS A 336 22.76 -10.44 33.88
N ILE A 337 23.75 -9.84 33.22
CA ILE A 337 25.05 -9.62 33.85
C ILE A 337 25.47 -8.15 33.75
N GLY A 338 24.52 -7.26 33.49
CA GLY A 338 24.83 -5.85 33.49
C GLY A 338 25.29 -5.38 34.87
N GLU A 339 26.19 -4.41 34.88
CA GLU A 339 26.80 -3.94 36.12
C GLU A 339 25.94 -2.84 36.74
N GLU A 340 25.50 -3.08 37.97
CA GLU A 340 24.79 -2.10 38.81
C GLU A 340 23.51 -1.70 38.08
N GLU A 341 23.25 -0.41 37.85
CA GLU A 341 21.98 0.02 37.27
C GLU A 341 21.81 -0.44 35.84
N LYS A 342 22.89 -0.83 35.16
CA LYS A 342 22.80 -1.26 33.77
C LYS A 342 22.18 -2.63 33.62
N LYS A 343 22.08 -3.40 34.72
CA LYS A 343 21.57 -4.77 34.65
C LYS A 343 20.13 -4.80 34.16
N CYS A 344 19.87 -5.67 33.20
CA CYS A 344 18.52 -5.89 32.65
C CYS A 344 17.93 -4.65 32.00
N LYS A 345 18.79 -3.74 31.55
CA LYS A 345 18.35 -2.54 30.86
C LYS A 345 18.23 -2.82 29.36
N SER A 346 17.24 -2.18 28.73
CA SER A 346 17.13 -2.26 27.27
C SER A 346 18.23 -1.43 26.64
N SER A 347 19.47 -1.91 26.74
CA SER A 347 20.63 -1.15 26.32
C SER A 347 21.82 -2.09 26.19
N HIS A 348 22.69 -1.77 25.23
CA HIS A 348 23.91 -2.58 25.04
C HIS A 348 24.82 -2.57 26.25
N ASP A 349 24.63 -1.63 27.17
CA ASP A 349 25.37 -1.66 28.43
C ASP A 349 25.03 -2.89 29.26
N GLU A 350 23.90 -3.54 28.95
CA GLU A 350 23.63 -4.89 29.45
C GLU A 350 24.21 -5.87 28.44
N PRO A 351 25.26 -6.62 28.78
CA PRO A 351 25.93 -7.45 27.77
C PRO A 351 25.04 -8.50 27.11
N TYR A 352 23.91 -8.85 27.73
CA TYR A 352 23.01 -9.85 27.18
C TYR A 352 21.80 -9.25 26.47
N TYR A 353 21.83 -7.94 26.20
CA TYR A 353 20.74 -7.29 25.50
C TYR A 353 20.84 -7.54 24.00
N GLY A 354 19.68 -7.70 23.36
CA GLY A 354 19.61 -7.84 21.92
C GLY A 354 19.83 -9.28 21.46
N ASP A 355 19.74 -9.44 20.14
CA ASP A 355 19.88 -10.76 19.53
C ASP A 355 21.23 -11.38 19.86
N HIS A 356 22.32 -10.64 19.65
N HIS A 356 22.32 -10.66 19.59
CA HIS A 356 23.64 -11.17 19.91
CA HIS A 356 23.64 -11.17 19.93
C HIS A 356 23.98 -11.21 21.40
C HIS A 356 23.77 -11.39 21.43
N GLY A 357 23.24 -10.48 22.23
CA GLY A 357 23.35 -10.63 23.67
C GLY A 357 22.66 -11.88 24.17
N ALA A 358 21.48 -12.18 23.63
CA ALA A 358 20.79 -13.42 23.98
C ALA A 358 21.60 -14.64 23.54
N PHE A 359 22.23 -14.57 22.37
CA PHE A 359 23.06 -15.69 21.93
C PHE A 359 24.28 -15.82 22.83
N ARG A 360 24.89 -14.70 23.22
CA ARG A 360 26.00 -14.74 24.16
C ARG A 360 25.58 -15.35 25.48
N CYS A 361 24.36 -15.05 25.93
CA CYS A 361 23.86 -15.60 27.19
C CYS A 361 23.78 -17.12 27.12
N LEU A 362 23.32 -17.66 25.98
CA LEU A 362 23.33 -19.10 25.78
C LEU A 362 24.75 -19.63 25.65
N GLN A 363 25.60 -18.93 24.91
CA GLN A 363 26.98 -19.35 24.71
C GLN A 363 27.71 -19.50 26.03
N GLU A 364 27.49 -18.59 26.97
CA GLU A 364 28.13 -18.62 28.27
C GLU A 364 27.33 -19.41 29.30
N ASP A 365 26.33 -20.16 28.85
CA ASP A 365 25.59 -21.12 29.67
C ASP A 365 24.79 -20.46 30.79
N LYS A 366 24.44 -19.18 30.67
CA LYS A 366 23.49 -18.58 31.57
C LYS A 366 22.04 -18.95 31.23
N GLY A 367 21.81 -19.55 30.07
CA GLY A 367 20.49 -20.03 29.71
C GLY A 367 20.59 -21.34 28.96
N ASP A 368 19.46 -22.03 28.90
CA ASP A 368 19.35 -23.25 28.13
C ASP A 368 18.82 -23.03 26.72
N VAL A 369 18.19 -21.89 26.47
CA VAL A 369 17.60 -21.56 25.17
C VAL A 369 17.66 -20.05 25.00
N ALA A 370 17.90 -19.62 23.77
CA ALA A 370 17.92 -18.19 23.45
C ALA A 370 16.86 -17.90 22.39
N PHE A 371 16.15 -16.80 22.56
CA PHE A 371 15.10 -16.38 21.64
C PHE A 371 15.57 -15.13 20.90
N LEU A 372 15.77 -15.27 19.60
CA LEU A 372 16.29 -14.22 18.75
C LEU A 372 15.76 -14.48 17.33
N LYS A 373 16.45 -13.97 16.31
CA LYS A 373 16.01 -14.18 14.95
C LYS A 373 17.16 -14.74 14.12
N ASN A 374 16.80 -15.25 12.93
CA ASN A 374 17.76 -15.99 12.11
C ASN A 374 18.99 -15.17 11.78
N THR A 375 18.85 -13.86 11.59
CA THR A 375 19.98 -13.03 11.20
C THR A 375 21.06 -12.94 12.27
N ALA A 376 20.79 -13.39 13.49
CA ALA A 376 21.78 -13.40 14.55
C ALA A 376 22.40 -14.77 14.76
N LEU A 377 21.97 -15.78 14.00
CA LEU A 377 22.53 -17.12 14.12
C LEU A 377 23.97 -17.14 13.61
N PRO A 378 24.78 -18.08 14.09
CA PRO A 378 26.14 -18.21 13.57
C PRO A 378 26.13 -18.53 12.08
N ASP A 379 27.14 -18.00 11.39
CA ASP A 379 27.25 -18.26 9.96
C ASP A 379 27.77 -19.68 9.68
N GLU A 380 28.56 -20.23 10.58
CA GLU A 380 29.24 -21.50 10.34
C GLU A 380 28.27 -22.66 10.43
N HIS A 381 28.44 -23.64 9.54
CA HIS A 381 27.57 -24.82 9.55
C HIS A 381 27.88 -25.75 10.71
N SER A 382 29.16 -26.01 10.96
CA SER A 382 29.55 -26.91 12.02
C SER A 382 29.61 -26.16 13.35
N GLY A 383 29.17 -26.82 14.41
CA GLY A 383 29.19 -26.21 15.72
C GLY A 383 28.24 -26.91 16.66
N VAL A 384 28.09 -26.33 17.85
CA VAL A 384 27.36 -26.95 18.95
C VAL A 384 25.94 -26.40 19.07
N TYR A 385 25.47 -25.63 18.09
CA TYR A 385 24.17 -25.00 18.16
C TYR A 385 23.21 -25.57 17.13
N GLU A 386 21.94 -25.62 17.50
CA GLU A 386 20.87 -26.05 16.61
C GLU A 386 19.60 -25.31 17.01
N LEU A 387 18.52 -25.58 16.30
CA LEU A 387 17.26 -24.88 16.47
C LEU A 387 16.25 -25.76 17.19
N LEU A 388 15.50 -25.16 18.11
CA LEU A 388 14.46 -25.84 18.86
C LEU A 388 13.12 -25.54 18.19
N CYS A 389 12.54 -26.55 17.52
CA CYS A 389 11.33 -26.31 16.75
C CYS A 389 10.09 -26.50 17.62
N PRO A 390 9.04 -25.71 17.38
CA PRO A 390 7.82 -25.82 18.20
C PRO A 390 7.07 -27.14 18.01
N ASP A 391 7.36 -27.92 16.96
CA ASP A 391 6.78 -29.24 16.81
C ASP A 391 7.55 -30.32 17.58
N ASN A 392 8.37 -29.91 18.55
CA ASN A 392 9.07 -30.81 19.46
C ASN A 392 10.16 -31.62 18.75
N THR A 393 10.78 -31.05 17.73
CA THR A 393 11.98 -31.60 17.12
C THR A 393 13.07 -30.54 17.13
N ARG A 394 14.29 -30.95 16.80
CA ARG A 394 15.42 -30.05 16.66
C ARG A 394 16.00 -30.20 15.26
N LYS A 395 16.47 -29.09 14.71
CA LYS A 395 16.90 -29.00 13.32
C LYS A 395 18.13 -28.12 13.22
N PRO A 396 18.92 -28.26 12.15
CA PRO A 396 20.14 -27.47 12.01
C PRO A 396 19.85 -25.99 11.84
N LEU A 397 20.91 -25.19 12.03
CA LEU A 397 20.78 -23.73 11.99
C LEU A 397 20.22 -23.25 10.67
N ASN A 398 20.63 -23.88 9.56
CA ASN A 398 20.22 -23.39 8.24
C ASN A 398 18.79 -23.79 7.87
N LYS A 399 18.07 -24.47 8.76
CA LYS A 399 16.68 -24.86 8.49
C LYS A 399 15.67 -24.01 9.25
N TYR A 400 16.02 -22.74 9.54
CA TYR A 400 15.12 -21.89 10.30
C TYR A 400 13.78 -21.68 9.59
N LYS A 401 13.77 -21.72 8.25
CA LYS A 401 12.52 -21.51 7.53
C LYS A 401 11.51 -22.62 7.80
N GLU A 402 11.95 -23.80 8.25
CA GLU A 402 11.03 -24.86 8.63
C GLU A 402 11.13 -25.19 10.12
N CYS A 403 11.75 -24.30 10.92
CA CYS A 403 11.95 -24.52 12.35
C CYS A 403 12.03 -23.15 13.02
N ASN A 404 10.87 -22.52 13.20
CA ASN A 404 10.85 -21.14 13.66
C ASN A 404 9.59 -20.88 14.48
N LEU A 405 9.58 -19.71 15.11
CA LEU A 405 8.43 -19.22 15.87
C LEU A 405 7.66 -18.15 15.11
N GLY A 406 7.79 -18.11 13.79
CA GLY A 406 7.07 -17.16 12.96
C GLY A 406 7.96 -16.16 12.25
N LYS A 407 7.49 -15.66 11.10
CA LYS A 407 8.09 -14.47 10.53
C LYS A 407 7.82 -13.29 11.44
N VAL A 408 8.78 -12.36 11.51
CA VAL A 408 8.58 -11.15 12.30
C VAL A 408 8.65 -9.95 11.37
N PRO A 409 8.00 -8.83 11.69
CA PRO A 409 8.06 -7.66 10.81
C PRO A 409 9.47 -7.10 10.71
N ALA A 410 9.65 -6.24 9.71
CA ALA A 410 10.89 -5.51 9.61
C ALA A 410 11.03 -4.52 10.76
N ASP A 411 12.25 -4.06 10.97
CA ASP A 411 12.53 -3.02 11.93
C ASP A 411 12.76 -1.71 11.17
N ALA A 412 12.70 -0.59 11.89
CA ALA A 412 12.61 0.69 11.19
C ALA A 412 13.24 1.82 11.98
N VAL A 413 13.73 2.81 11.25
CA VAL A 413 14.06 4.11 11.82
C VAL A 413 12.76 4.87 12.06
N VAL A 414 12.64 5.48 13.23
CA VAL A 414 11.43 6.21 13.58
C VAL A 414 11.77 7.66 13.85
N THR A 415 10.74 8.51 13.76
CA THR A 415 10.82 9.91 14.16
C THR A 415 9.43 10.34 14.60
N ARG A 416 9.29 11.62 14.93
CA ARG A 416 8.01 12.14 15.38
C ARG A 416 6.97 12.02 14.27
N LYS A 417 5.71 11.80 14.68
CA LYS A 417 4.61 11.71 13.72
C LYS A 417 4.53 12.94 12.82
N ALA A 418 4.86 14.11 13.38
CA ALA A 418 4.80 15.35 12.60
C ALA A 418 5.76 15.32 11.41
N GLY A 419 6.83 14.54 11.47
CA GLY A 419 7.73 14.40 10.34
C GLY A 419 8.52 15.63 10.01
N ASP A 420 8.82 16.47 11.00
CA ASP A 420 9.56 17.70 10.74
C ASP A 420 11.00 17.43 10.30
N LYS A 421 11.56 16.27 10.65
CA LYS A 421 12.93 15.94 10.30
C LYS A 421 13.04 14.77 9.34
N THR A 422 11.91 14.26 8.83
CA THR A 422 11.94 13.08 7.97
C THR A 422 12.84 13.28 6.76
N LYS A 423 12.76 14.44 6.11
CA LYS A 423 13.57 14.68 4.92
C LYS A 423 15.05 14.75 5.25
N ASP A 424 15.41 15.40 6.35
CA ASP A 424 16.81 15.48 6.75
C ASP A 424 17.34 14.10 7.15
N ILE A 425 16.53 13.29 7.82
CA ILE A 425 16.96 11.94 8.17
C ILE A 425 17.15 11.10 6.92
N ASN A 426 16.19 11.15 6.00
CA ASN A 426 16.29 10.38 4.77
C ASN A 426 17.49 10.82 3.94
N ASP A 427 17.65 12.13 3.76
CA ASP A 427 18.76 12.63 2.94
C ASP A 427 20.11 12.21 3.51
N PHE A 428 20.27 12.28 4.83
CA PHE A 428 21.55 11.88 5.42
C PHE A 428 21.83 10.41 5.18
N LEU A 429 20.87 9.53 5.48
CA LEU A 429 21.11 8.10 5.34
C LEU A 429 21.27 7.70 3.89
N LEU A 430 20.60 8.37 2.95
CA LEU A 430 20.79 8.07 1.55
C LEU A 430 22.19 8.47 1.08
N GLU A 431 22.63 9.66 1.46
CA GLU A 431 23.97 10.11 1.10
C GLU A 431 25.04 9.28 1.81
N ALA A 432 24.81 8.94 3.08
CA ALA A 432 25.78 8.15 3.82
C ALA A 432 25.96 6.77 3.20
N GLN A 433 24.88 6.18 2.70
CA GLN A 433 24.97 4.87 2.07
C GLN A 433 25.65 4.95 0.71
N LYS A 434 25.39 6.02 -0.05
CA LYS A 434 26.07 6.22 -1.31
C LYS A 434 27.58 6.33 -1.12
N LYS A 435 28.01 7.04 -0.09
CA LYS A 435 29.43 7.19 0.21
C LYS A 435 30.01 6.00 0.94
N LYS A 436 29.20 4.98 1.26
CA LYS A 436 29.65 3.74 1.87
C LYS A 436 30.20 3.97 3.29
N CYS A 437 29.56 4.85 4.04
CA CYS A 437 29.95 5.05 5.43
C CYS A 437 29.71 3.78 6.23
N LYS A 438 30.44 3.65 7.35
CA LYS A 438 30.42 2.44 8.17
C LYS A 438 29.19 2.47 9.10
N LEU A 439 28.02 2.39 8.47
CA LEU A 439 26.77 2.43 9.23
C LEU A 439 26.46 1.09 9.90
N PHE A 440 26.81 -0.03 9.27
CA PHE A 440 26.28 -1.33 9.64
C PHE A 440 27.35 -2.24 10.26
N GLY A 441 28.37 -1.66 10.86
CA GLY A 441 29.36 -2.44 11.59
C GLY A 441 30.12 -1.53 12.52
N SER A 442 30.82 -2.15 13.48
CA SER A 442 31.64 -1.38 14.40
C SER A 442 32.58 -2.28 15.19
N PRO A 443 33.80 -1.81 15.47
CA PRO A 443 34.68 -2.57 16.40
C PRO A 443 34.16 -2.59 17.83
N HIS A 444 33.26 -1.66 18.19
CA HIS A 444 32.80 -1.55 19.56
C HIS A 444 31.77 -2.61 19.92
N GLY A 445 31.16 -3.27 18.94
CA GLY A 445 30.17 -4.28 19.23
C GLY A 445 29.24 -4.47 18.03
N LYS A 446 28.31 -5.39 18.22
CA LYS A 446 27.37 -5.77 17.18
C LYS A 446 26.02 -5.08 17.37
N ASP A 447 25.36 -4.78 16.26
CA ASP A 447 24.01 -4.23 16.24
C ASP A 447 23.93 -2.89 16.96
N LEU A 448 24.98 -2.09 16.84
CA LEU A 448 25.00 -0.74 17.38
C LEU A 448 24.42 0.21 16.34
N MET A 449 23.48 1.06 16.76
CA MET A 449 22.74 2.00 15.91
C MET A 449 21.81 1.27 14.96
N PHE A 450 22.34 0.34 14.17
CA PHE A 450 21.57 -0.47 13.24
C PHE A 450 21.92 -1.94 13.42
N ASP A 451 21.08 -2.81 12.89
CA ASP A 451 21.39 -4.23 12.86
C ASP A 451 22.59 -4.46 11.94
N ASP A 452 23.54 -5.27 12.41
CA ASP A 452 24.72 -5.56 11.60
C ASP A 452 24.35 -6.27 10.31
N SER A 453 23.24 -7.01 10.30
CA SER A 453 22.79 -7.70 9.10
C SER A 453 22.24 -6.75 8.04
N THR A 454 21.94 -5.51 8.40
CA THR A 454 21.36 -4.57 7.45
C THR A 454 22.34 -4.26 6.33
N THR A 455 21.83 -4.24 5.10
CA THR A 455 22.62 -3.90 3.93
C THR A 455 22.20 -2.58 3.29
N HIS A 456 20.91 -2.26 3.29
CA HIS A 456 20.42 -1.02 2.71
C HIS A 456 19.19 -0.56 3.47
N LEU A 457 19.05 0.75 3.64
CA LEU A 457 17.87 1.36 4.24
C LEU A 457 17.22 2.29 3.24
N ALA A 458 15.92 2.09 3.02
CA ALA A 458 15.18 2.85 2.03
C ALA A 458 14.01 3.58 2.66
N PRO A 459 13.60 4.71 2.10
CA PRO A 459 12.43 5.42 2.64
C PRO A 459 11.16 4.59 2.49
N LEU A 460 10.31 4.64 3.51
CA LEU A 460 9.01 4.00 3.48
C LEU A 460 7.99 4.92 2.82
N PRO A 461 6.84 4.39 2.40
CA PRO A 461 5.78 5.25 1.86
C PRO A 461 5.45 6.39 2.82
N SER A 462 5.16 7.56 2.24
CA SER A 462 5.03 8.78 3.03
C SER A 462 3.86 8.69 4.01
N GLU A 463 2.84 7.92 3.70
CA GLU A 463 1.67 7.80 4.56
C GLU A 463 1.70 6.55 5.43
N ILE A 464 2.83 5.85 5.49
CA ILE A 464 2.91 4.65 6.32
C ILE A 464 2.83 5.03 7.79
N ASP A 465 2.24 4.14 8.57
CA ASP A 465 2.28 4.20 10.02
C ASP A 465 2.54 2.79 10.53
N ALA A 466 2.53 2.62 11.86
CA ALA A 466 2.84 1.32 12.42
C ALA A 466 1.86 0.25 11.95
N PHE A 467 0.59 0.61 11.80
CA PHE A 467 -0.40 -0.36 11.36
C PHE A 467 -0.07 -0.90 9.97
N PHE A 468 0.19 -0.01 9.02
CA PHE A 468 0.48 -0.44 7.65
C PHE A 468 1.89 -0.98 7.51
N PHE A 469 2.82 -0.55 8.37
CA PHE A 469 4.18 -1.07 8.32
C PHE A 469 4.24 -2.49 8.88
N LEU A 470 3.65 -2.71 10.05
CA LEU A 470 3.66 -4.03 10.66
C LEU A 470 2.65 -4.97 10.02
N GLY A 471 1.54 -4.43 9.52
CA GLY A 471 0.47 -5.29 9.02
C GLY A 471 -0.54 -5.60 10.09
N VAL A 472 -1.79 -5.81 9.66
CA VAL A 472 -2.90 -5.98 10.60
C VAL A 472 -2.70 -7.22 11.46
N LYS A 473 -2.10 -8.27 10.92
CA LYS A 473 -1.91 -9.49 11.69
C LYS A 473 -0.94 -9.28 12.86
N TRP A 474 0.22 -8.69 12.58
CA TRP A 474 1.19 -8.50 13.66
C TRP A 474 0.78 -7.34 14.57
N TYR A 475 0.15 -6.30 14.01
CA TYR A 475 -0.34 -5.20 14.84
C TYR A 475 -1.32 -5.73 15.89
N ASN A 476 -2.31 -6.51 15.46
CA ASN A 476 -3.30 -7.05 16.39
C ASN A 476 -2.67 -8.03 17.38
N ALA A 477 -1.72 -8.85 16.91
CA ALA A 477 -1.07 -9.81 17.80
C ALA A 477 -0.29 -9.11 18.89
N MET A 478 0.38 -7.99 18.54
CA MET A 478 1.08 -7.20 19.54
C MET A 478 0.09 -6.53 20.51
N LYS A 479 -1.00 -5.98 19.98
CA LYS A 479 -2.01 -5.38 20.85
C LYS A 479 -2.63 -6.42 21.78
N ALA A 480 -2.81 -7.65 21.29
CA ALA A 480 -3.47 -8.69 22.08
C ALA A 480 -2.70 -9.04 23.34
N LEU A 481 -1.39 -8.79 23.39
CA LEU A 481 -0.61 -9.06 24.58
C LEU A 481 -0.74 -7.97 25.64
N THR A 482 -1.39 -6.85 25.32
CA THR A 482 -1.49 -5.72 26.23
C THR A 482 -2.90 -5.47 26.74
N GLU A 483 -3.93 -5.88 26.00
CA GLU A 483 -5.31 -5.61 26.40
C GLU A 483 -6.21 -6.68 25.80
N ASP A 484 -7.37 -6.85 26.43
CA ASP A 484 -8.40 -7.76 25.94
C ASP A 484 -9.17 -7.04 24.85
N VAL A 485 -8.87 -7.36 23.59
CA VAL A 485 -9.47 -6.68 22.45
C VAL A 485 -10.84 -7.28 22.20
N LYS A 486 -11.88 -6.59 22.65
CA LYS A 486 -13.26 -7.01 22.41
C LYS A 486 -13.57 -6.86 20.93
N LEU A 487 -13.73 -7.99 20.23
CA LEU A 487 -14.01 -7.96 18.80
C LEU A 487 -15.45 -7.56 18.56
N PRO A 488 -15.70 -6.49 17.80
CA PRO A 488 -17.09 -6.07 17.55
C PRO A 488 -17.92 -7.18 16.93
N SER A 489 -19.22 -7.14 17.21
CA SER A 489 -20.13 -8.19 16.78
C SER A 489 -20.25 -8.22 15.26
N LYS A 490 -20.38 -9.43 14.72
CA LYS A 490 -20.64 -9.60 13.30
C LYS A 490 -22.09 -9.29 12.93
N ASN A 491 -22.95 -9.04 13.91
CA ASN A 491 -24.34 -8.69 13.66
C ASN A 491 -24.58 -7.19 13.69
N LYS A 492 -23.52 -6.39 13.84
CA LYS A 492 -23.61 -4.94 13.85
C LYS A 492 -22.76 -4.38 12.71
N VAL A 493 -23.29 -3.40 12.00
CA VAL A 493 -22.56 -2.69 10.95
C VAL A 493 -22.28 -1.29 11.46
N ARG A 494 -21.01 -1.01 11.73
CA ARG A 494 -20.58 0.33 12.12
C ARG A 494 -20.39 1.15 10.85
N TRP A 495 -21.30 2.10 10.61
CA TRP A 495 -21.28 2.89 9.39
C TRP A 495 -20.41 4.13 9.58
N CYS A 496 -19.57 4.41 8.59
CA CYS A 496 -18.68 5.56 8.63
C CYS A 496 -19.34 6.75 7.94
N THR A 497 -19.43 7.87 8.65
CA THR A 497 -20.03 9.10 8.15
C THR A 497 -18.95 10.15 7.96
N ILE A 498 -19.17 11.04 6.98
CA ILE A 498 -18.17 12.01 6.59
C ILE A 498 -18.56 13.44 6.91
N ASN A 499 -19.72 13.66 7.52
CA ASN A 499 -20.09 15.00 7.96
C ASN A 499 -21.14 14.91 9.06
N LYS A 500 -21.41 16.05 9.70
CA LYS A 500 -22.35 16.08 10.81
C LYS A 500 -23.76 15.66 10.42
N PRO A 501 -24.34 16.13 9.31
CA PRO A 501 -25.68 15.63 8.94
C PRO A 501 -25.75 14.14 8.72
N GLU A 502 -24.72 13.55 8.09
CA GLU A 502 -24.71 12.10 7.93
C GLU A 502 -24.67 11.39 9.28
N MET A 503 -23.82 11.86 10.19
CA MET A 503 -23.77 11.29 11.54
C MET A 503 -25.15 11.34 12.19
N MET A 504 -25.88 12.44 11.97
CA MET A 504 -27.18 12.60 12.60
C MET A 504 -28.21 11.64 12.02
N LYS A 505 -28.26 11.53 10.69
CA LYS A 505 -29.14 10.53 10.06
C LYS A 505 -28.77 9.13 10.47
N CYS A 506 -27.46 8.86 10.64
CA CYS A 506 -27.04 7.52 11.04
C CYS A 506 -27.45 7.22 12.48
N LYS A 507 -27.46 8.24 13.34
CA LYS A 507 -27.92 8.02 14.71
C LYS A 507 -29.42 7.74 14.76
N ASP A 508 -30.20 8.37 13.87
CA ASP A 508 -31.61 8.03 13.75
C ASP A 508 -31.78 6.59 13.24
N TRP A 509 -30.91 6.17 12.32
CA TRP A 509 -30.96 4.79 11.83
C TRP A 509 -30.68 3.81 12.96
N ALA A 510 -29.67 4.10 13.78
CA ALA A 510 -29.32 3.21 14.88
C ALA A 510 -30.47 3.10 15.87
N ALA A 511 -31.22 4.18 16.07
CA ALA A 511 -32.29 4.18 17.07
C ALA A 511 -33.39 3.19 16.70
N VAL A 512 -33.68 3.04 15.40
CA VAL A 512 -34.73 2.12 14.96
C VAL A 512 -34.20 0.75 14.59
N SER A 513 -32.88 0.59 14.43
CA SER A 513 -32.30 -0.63 13.89
C SER A 513 -32.27 -1.78 14.86
N GLY A 514 -32.55 -1.55 16.15
CA GLY A 514 -32.45 -2.62 17.12
C GLY A 514 -31.05 -3.12 17.35
N GLY A 515 -30.04 -2.26 17.14
CA GLY A 515 -28.66 -2.62 17.35
C GLY A 515 -27.91 -3.06 16.11
N ALA A 516 -28.60 -3.21 14.98
CA ALA A 516 -27.93 -3.66 13.76
C ALA A 516 -27.04 -2.57 13.16
N ILE A 517 -27.28 -1.31 13.50
CA ILE A 517 -26.55 -0.18 12.90
C ILE A 517 -25.92 0.63 14.02
N ALA A 518 -24.65 0.98 13.84
CA ALA A 518 -23.94 1.94 14.67
C ALA A 518 -23.22 2.92 13.74
N CYS A 519 -22.59 3.94 14.32
CA CYS A 519 -22.03 5.03 13.53
C CYS A 519 -20.64 5.39 14.01
N THR A 520 -19.79 5.75 13.06
CA THR A 520 -18.49 6.35 13.33
C THR A 520 -18.37 7.64 12.51
N GLU A 521 -17.43 8.49 12.89
CA GLU A 521 -17.25 9.78 12.26
C GLU A 521 -15.85 9.89 11.68
N ALA A 522 -15.78 10.33 10.43
CA ALA A 522 -14.51 10.64 9.76
C ALA A 522 -14.69 11.93 8.98
N SER A 523 -13.57 12.49 8.51
CA SER A 523 -13.61 13.77 7.82
C SER A 523 -13.84 13.65 6.32
N CYS A 524 -13.59 12.49 5.74
CA CYS A 524 -13.63 12.34 4.28
C CYS A 524 -13.68 10.85 3.96
N PRO A 525 -14.09 10.49 2.74
CA PRO A 525 -14.21 9.06 2.40
C PRO A 525 -12.92 8.27 2.57
N GLU A 526 -11.76 8.88 2.32
CA GLU A 526 -10.51 8.14 2.45
C GLU A 526 -10.23 7.77 3.90
N HIS A 527 -10.57 8.65 4.84
CA HIS A 527 -10.42 8.31 6.25
C HIS A 527 -11.40 7.23 6.66
N CYS A 528 -12.56 7.14 6.00
CA CYS A 528 -13.47 6.03 6.24
C CYS A 528 -12.85 4.71 5.79
N VAL A 529 -12.21 4.71 4.62
CA VAL A 529 -11.51 3.52 4.15
C VAL A 529 -10.45 3.09 5.16
N LYS A 530 -9.69 4.06 5.68
CA LYS A 530 -8.70 3.76 6.71
C LYS A 530 -9.34 3.15 7.95
N GLN A 531 -10.49 3.70 8.38
CA GLN A 531 -11.16 3.16 9.56
C GLN A 531 -11.60 1.72 9.35
N ILE A 532 -12.13 1.42 8.16
CA ILE A 532 -12.58 0.06 7.86
C ILE A 532 -11.40 -0.90 7.85
N LEU A 533 -10.28 -0.49 7.24
CA LEU A 533 -9.10 -1.34 7.22
C LEU A 533 -8.61 -1.66 8.63
N LYS A 534 -8.63 -0.67 9.52
CA LYS A 534 -8.13 -0.83 10.88
C LYS A 534 -9.18 -1.40 11.84
N GLY A 535 -10.35 -1.78 11.34
CA GLY A 535 -11.36 -2.39 12.18
C GLY A 535 -12.12 -1.43 13.08
N GLU A 536 -12.08 -0.13 12.77
CA GLU A 536 -12.84 0.86 13.54
C GLU A 536 -14.22 1.10 12.96
N ALA A 537 -14.43 0.77 11.69
CA ALA A 537 -15.74 0.85 11.06
C ALA A 537 -15.91 -0.36 10.16
N ASP A 538 -17.12 -0.53 9.62
CA ASP A 538 -17.42 -1.70 8.82
C ASP A 538 -17.89 -1.41 7.41
N ALA A 539 -18.42 -0.22 7.13
CA ALA A 539 -18.95 0.02 5.79
C ALA A 539 -19.05 1.51 5.52
N VAL A 540 -19.03 1.85 4.24
CA VAL A 540 -19.20 3.23 3.78
C VAL A 540 -19.57 3.17 2.31
N THR A 541 -20.35 4.15 1.86
CA THR A 541 -20.69 4.29 0.45
C THR A 541 -19.66 5.20 -0.22
N LEU A 542 -19.11 4.73 -1.33
CA LEU A 542 -18.02 5.43 -2.00
C LEU A 542 -18.44 5.87 -3.39
N ASP A 543 -18.13 7.13 -3.72
CA ASP A 543 -18.18 7.59 -5.10
C ASP A 543 -17.20 6.78 -5.95
N VAL A 544 -17.46 6.76 -7.26
CA VAL A 544 -16.60 6.02 -8.19
C VAL A 544 -15.16 6.47 -8.07
N GLN A 545 -14.95 7.77 -7.87
CA GLN A 545 -13.61 8.35 -7.84
C GLN A 545 -12.77 7.88 -6.67
N TYR A 546 -13.35 7.16 -5.71
CA TYR A 546 -12.60 6.62 -4.58
C TYR A 546 -12.44 5.10 -4.65
N MET A 547 -13.05 4.45 -5.64
CA MET A 547 -13.12 3.00 -5.67
C MET A 547 -11.78 2.36 -6.02
N TYR A 548 -10.98 3.01 -6.87
CA TYR A 548 -9.67 2.44 -7.21
C TYR A 548 -8.80 2.32 -5.97
N MET A 549 -8.73 3.38 -5.17
CA MET A 549 -7.95 3.33 -3.94
C MET A 549 -8.51 2.30 -2.97
N ALA A 550 -9.85 2.24 -2.84
CA ALA A 550 -10.46 1.27 -1.93
C ALA A 550 -10.14 -0.15 -2.35
N LEU A 551 -10.25 -0.46 -3.64
CA LEU A 551 -9.98 -1.82 -4.11
C LEU A 551 -8.49 -2.14 -4.03
N MET A 552 -7.62 -1.17 -4.33
CA MET A 552 -6.19 -1.39 -4.17
C MET A 552 -5.84 -1.74 -2.73
N CYS A 553 -6.51 -1.12 -1.76
CA CYS A 553 -6.22 -1.41 -0.35
C CYS A 553 -6.84 -2.71 0.13
N GLY A 554 -7.64 -3.39 -0.70
CA GLY A 554 -8.15 -4.70 -0.35
C GLY A 554 -9.59 -4.75 0.10
N LEU A 555 -10.30 -3.63 0.10
CA LEU A 555 -11.72 -3.66 0.39
C LEU A 555 -12.48 -4.19 -0.82
N LEU A 556 -13.70 -4.64 -0.57
CA LEU A 556 -14.52 -5.18 -1.64
C LEU A 556 -15.90 -4.55 -1.64
N PRO A 557 -16.53 -4.44 -2.81
CA PRO A 557 -17.93 -4.02 -2.85
C PRO A 557 -18.82 -5.09 -2.24
N ALA A 558 -19.63 -4.69 -1.27
CA ALA A 558 -20.61 -5.60 -0.67
C ALA A 558 -21.95 -5.49 -1.38
N VAL A 559 -22.50 -4.28 -1.44
CA VAL A 559 -23.69 -3.97 -2.22
C VAL A 559 -23.44 -2.68 -2.99
N GLU A 560 -24.31 -2.40 -3.95
CA GLU A 560 -24.18 -1.23 -4.80
C GLU A 560 -25.51 -0.50 -4.91
N GLU A 561 -25.44 0.81 -5.15
CA GLU A 561 -26.65 1.62 -5.30
C GLU A 561 -27.23 1.42 -6.70
N TYR A 562 -28.43 0.86 -6.75
CA TYR A 562 -29.14 0.62 -8.01
C TYR A 562 -29.98 1.85 -8.35
N PRO A 563 -29.70 2.55 -9.44
CA PRO A 563 -30.35 3.85 -9.70
C PRO A 563 -31.46 3.84 -10.75
N ASN A 564 -31.86 2.69 -11.28
CA ASN A 564 -32.78 2.64 -12.41
C ASN A 564 -34.21 2.83 -11.91
N LYS A 565 -34.81 3.97 -12.27
CA LYS A 565 -36.18 4.28 -11.84
C LYS A 565 -37.24 3.56 -12.65
N ASP A 566 -36.91 3.05 -13.83
CA ASP A 566 -37.92 2.42 -14.67
C ASP A 566 -38.19 0.98 -14.27
N ASP A 567 -37.23 0.30 -13.66
CA ASP A 567 -37.35 -1.11 -13.32
C ASP A 567 -37.11 -1.28 -11.82
N PHE A 568 -38.18 -1.54 -11.08
CA PHE A 568 -38.10 -1.83 -9.65
C PHE A 568 -38.14 -3.33 -9.37
N HIS A 569 -38.30 -4.15 -10.40
CA HIS A 569 -38.36 -5.60 -10.21
C HIS A 569 -37.12 -6.18 -9.52
N PRO A 570 -35.89 -5.79 -9.86
CA PRO A 570 -34.74 -6.30 -9.10
C PRO A 570 -34.75 -5.90 -7.64
N CYS A 571 -35.52 -4.87 -7.27
CA CYS A 571 -35.60 -4.44 -5.88
C CYS A 571 -36.69 -5.19 -5.12
N GLN A 572 -37.83 -5.48 -5.78
CA GLN A 572 -38.87 -6.28 -5.15
C GLN A 572 -38.36 -7.68 -4.84
N ILE A 573 -37.97 -8.42 -5.87
CA ILE A 573 -37.45 -9.77 -5.72
C ILE A 573 -35.93 -9.72 -5.78
N PRO A 574 -35.23 -9.84 -4.66
CA PRO A 574 -33.76 -9.82 -4.68
C PRO A 574 -33.21 -11.01 -5.46
N GLY A 575 -31.99 -10.85 -5.94
CA GLY A 575 -31.32 -11.88 -6.70
C GLY A 575 -31.80 -12.05 -8.14
N SER A 576 -32.84 -11.31 -8.54
CA SER A 576 -33.36 -11.44 -9.89
C SER A 576 -32.37 -10.87 -10.91
N THR A 577 -32.60 -11.22 -12.17
CA THR A 577 -31.77 -10.72 -13.27
C THR A 577 -32.12 -9.27 -13.58
N ILE A 578 -31.10 -8.48 -13.87
CA ILE A 578 -31.23 -7.04 -14.10
C ILE A 578 -31.00 -6.77 -15.57
N LYS A 579 -32.00 -6.20 -16.24
CA LYS A 579 -31.87 -5.90 -17.67
C LYS A 579 -30.97 -4.70 -17.90
N ASP A 580 -31.08 -3.68 -17.04
CA ASP A 580 -30.31 -2.45 -17.21
C ASP A 580 -30.06 -1.87 -15.82
N PHE A 581 -28.80 -1.84 -15.40
CA PHE A 581 -28.50 -1.31 -14.07
C PHE A 581 -28.81 0.18 -13.99
N GLY A 582 -28.78 0.88 -15.12
CA GLY A 582 -29.26 2.25 -15.18
C GLY A 582 -28.25 3.33 -14.91
N THR A 583 -26.97 2.98 -14.74
CA THR A 583 -25.96 4.02 -14.55
C THR A 583 -25.80 4.84 -15.83
N LYS A 584 -25.18 6.00 -15.68
CA LYS A 584 -24.97 6.88 -16.81
C LYS A 584 -23.96 6.28 -17.79
N ARG A 585 -24.06 6.71 -19.04
CA ARG A 585 -23.13 6.33 -20.09
C ARG A 585 -22.52 7.59 -20.66
N ALA A 586 -21.20 7.69 -20.65
CA ALA A 586 -20.52 8.82 -21.26
C ALA A 586 -20.52 8.66 -22.77
N VAL A 587 -20.92 9.72 -23.48
CA VAL A 587 -21.03 9.68 -24.92
C VAL A 587 -20.37 10.93 -25.51
N ALA A 588 -20.00 10.83 -26.78
CA ALA A 588 -19.51 11.96 -27.56
C ALA A 588 -20.65 12.43 -28.46
N LEU A 589 -21.21 13.58 -28.15
CA LEU A 589 -22.42 14.07 -28.82
C LEU A 589 -22.05 15.05 -29.93
N VAL A 590 -22.53 14.77 -31.14
CA VAL A 590 -22.32 15.64 -32.30
C VAL A 590 -23.64 15.78 -33.05
N LYS A 591 -23.68 16.78 -33.93
CA LYS A 591 -24.86 17.03 -34.74
C LYS A 591 -24.88 16.11 -35.97
N LYS A 592 -26.08 15.87 -36.48
CA LYS A 592 -26.20 15.10 -37.72
C LYS A 592 -25.64 15.83 -38.92
N SER A 593 -25.66 17.18 -38.87
CA SER A 593 -25.21 17.96 -40.02
C SER A 593 -23.70 17.82 -40.24
N ASN A 594 -22.93 17.71 -39.17
CA ASN A 594 -21.47 17.60 -39.28
C ASN A 594 -21.18 16.12 -39.53
N LYS A 595 -21.22 15.72 -40.80
CA LYS A 595 -20.98 14.34 -41.19
C LYS A 595 -19.51 13.98 -41.30
N ASP A 596 -18.61 14.95 -41.13
CA ASP A 596 -17.19 14.72 -41.34
C ASP A 596 -16.44 14.27 -40.09
N ILE A 597 -17.07 14.34 -38.92
CA ILE A 597 -16.39 14.15 -37.65
C ILE A 597 -16.63 12.73 -37.17
N LYS A 598 -15.55 12.03 -36.83
CA LYS A 598 -15.60 10.74 -36.17
C LYS A 598 -14.63 10.75 -35.00
N TRP A 599 -14.57 9.64 -34.26
CA TRP A 599 -13.74 9.57 -33.06
C TRP A 599 -12.29 9.92 -33.36
N ASN A 600 -11.74 9.32 -34.41
CA ASN A 600 -10.30 9.38 -34.66
C ASN A 600 -9.83 10.69 -35.30
N ASN A 601 -10.70 11.68 -35.47
CA ASN A 601 -10.24 12.98 -35.95
C ASN A 601 -10.67 14.13 -35.05
N LEU A 602 -11.04 13.85 -33.79
CA LEU A 602 -11.44 14.92 -32.89
C LEU A 602 -10.30 15.88 -32.56
N LYS A 603 -9.06 15.53 -32.91
CA LYS A 603 -7.94 16.41 -32.63
C LYS A 603 -8.12 17.74 -33.33
N GLY A 604 -8.08 18.83 -32.55
CA GLY A 604 -8.21 20.17 -33.09
C GLY A 604 -9.64 20.69 -33.16
N LYS A 605 -10.64 19.85 -32.94
CA LYS A 605 -12.03 20.27 -33.05
C LYS A 605 -12.43 21.09 -31.82
N LYS A 606 -13.72 21.43 -31.73
CA LYS A 606 -14.25 22.26 -30.66
C LYS A 606 -15.08 21.41 -29.71
N SER A 607 -14.56 21.16 -28.52
CA SER A 607 -15.21 20.28 -27.57
C SER A 607 -15.96 21.06 -26.51
N CYS A 608 -17.04 20.46 -26.01
CA CYS A 608 -17.84 21.04 -24.93
C CYS A 608 -17.87 20.04 -23.78
N HIS A 609 -17.34 20.43 -22.63
CA HIS A 609 -17.30 19.60 -21.45
C HIS A 609 -18.20 20.18 -20.38
N THR A 610 -18.90 19.30 -19.65
CA THR A 610 -19.75 19.75 -18.55
C THR A 610 -18.94 20.60 -17.56
N HIS A 611 -17.82 20.06 -17.09
CA HIS A 611 -16.85 20.80 -16.30
C HIS A 611 -15.65 19.89 -16.03
N VAL A 612 -14.52 20.52 -15.70
CA VAL A 612 -13.32 19.77 -15.36
C VAL A 612 -13.57 18.97 -14.09
N GLY A 613 -13.22 17.69 -14.13
CA GLY A 613 -13.40 16.80 -13.00
C GLY A 613 -14.62 15.91 -13.08
N ASP A 614 -15.61 16.27 -13.89
CA ASP A 614 -16.77 15.40 -14.09
C ASP A 614 -16.33 14.12 -14.78
N ILE A 615 -16.87 12.99 -14.32
CA ILE A 615 -16.45 11.69 -14.84
C ILE A 615 -16.94 11.50 -16.28
N PRO A 616 -18.25 11.61 -16.57
CA PRO A 616 -18.67 11.41 -17.96
C PRO A 616 -18.21 12.52 -18.90
N GLY A 617 -18.08 13.75 -18.40
CA GLY A 617 -17.73 14.87 -19.25
C GLY A 617 -16.27 15.22 -19.34
N TRP A 618 -15.42 14.61 -18.52
CA TRP A 618 -14.01 14.98 -18.50
C TRP A 618 -13.08 13.81 -18.25
N VAL A 619 -13.28 13.09 -17.15
CA VAL A 619 -12.33 12.04 -16.75
C VAL A 619 -12.30 10.93 -17.79
N ILE A 620 -13.47 10.47 -18.23
CA ILE A 620 -13.52 9.45 -19.27
C ILE A 620 -12.95 9.95 -20.60
N PRO A 621 -13.35 11.12 -21.13
CA PRO A 621 -12.74 11.58 -22.38
C PRO A 621 -11.24 11.85 -22.25
N ALA A 622 -10.81 12.51 -21.17
CA ALA A 622 -9.39 12.78 -21.00
C ALA A 622 -8.58 11.48 -20.89
N GLY A 623 -9.16 10.46 -20.28
CA GLY A 623 -8.47 9.18 -20.18
C GLY A 623 -8.25 8.51 -21.52
N LEU A 624 -9.29 8.50 -22.37
CA LEU A 624 -9.14 7.90 -23.69
C LEU A 624 -8.17 8.69 -24.56
N ILE A 625 -8.24 10.02 -24.51
CA ILE A 625 -7.31 10.84 -25.28
C ILE A 625 -5.88 10.58 -24.84
N SER A 626 -5.66 10.46 -23.52
CA SER A 626 -4.32 10.20 -23.01
C SER A 626 -3.83 8.81 -23.44
N ASN A 627 -4.71 7.82 -23.40
CA ASN A 627 -4.30 6.46 -23.73
C ASN A 627 -3.94 6.31 -25.21
N GLN A 628 -4.51 7.14 -26.07
CA GLN A 628 -4.32 7.01 -27.51
C GLN A 628 -3.41 8.06 -28.11
N ASN A 629 -2.92 9.01 -27.31
CA ASN A 629 -2.09 10.09 -27.85
C ASN A 629 -0.91 10.41 -26.94
N ASP A 630 -0.37 9.40 -26.27
CA ASP A 630 0.87 9.53 -25.48
C ASP A 630 0.74 10.57 -24.39
N ASN A 631 -0.38 10.51 -23.65
CA ASN A 631 -0.61 11.38 -22.50
C ASN A 631 -0.52 12.86 -22.85
N ILE A 632 -0.84 13.22 -24.10
CA ILE A 632 -0.85 14.62 -24.49
C ILE A 632 -2.02 15.30 -23.80
N ASP A 633 -1.84 16.59 -23.48
CA ASP A 633 -2.84 17.30 -22.70
C ASP A 633 -4.14 17.42 -23.48
N ILE A 634 -5.25 17.07 -22.81
CA ILE A 634 -6.57 17.33 -23.37
C ILE A 634 -6.73 18.82 -23.64
N GLU A 635 -6.02 19.66 -22.86
CA GLU A 635 -5.90 21.08 -23.18
C GLU A 635 -5.41 21.27 -24.62
N SER A 636 -4.32 20.60 -24.98
CA SER A 636 -3.72 20.78 -26.29
C SER A 636 -4.37 19.94 -27.38
N PHE A 637 -5.13 18.91 -27.00
CA PHE A 637 -5.69 18.00 -28.00
C PHE A 637 -6.73 18.70 -28.87
N PHE A 638 -7.63 19.46 -28.26
CA PHE A 638 -8.67 20.15 -28.99
C PHE A 638 -8.19 21.53 -29.45
N GLY A 639 -9.01 22.17 -30.28
CA GLY A 639 -8.70 23.51 -30.75
C GLY A 639 -9.16 24.58 -29.79
N GLU A 640 -10.46 24.86 -29.79
CA GLU A 640 -11.06 25.81 -28.87
C GLU A 640 -12.25 25.14 -28.21
N SER A 641 -12.31 25.17 -26.88
CA SER A 641 -13.26 24.37 -26.14
C SER A 641 -13.87 25.18 -25.01
N CYS A 642 -14.88 24.60 -24.37
CA CYS A 642 -15.45 25.14 -23.14
C CYS A 642 -15.45 24.03 -22.09
N ALA A 643 -14.59 24.15 -21.10
CA ALA A 643 -14.53 23.20 -19.98
C ALA A 643 -14.42 24.01 -18.71
N PRO A 644 -15.56 24.31 -18.07
CA PRO A 644 -15.54 25.08 -16.81
C PRO A 644 -14.60 24.47 -15.78
N GLY A 645 -13.64 25.26 -15.31
CA GLY A 645 -12.62 24.76 -14.40
C GLY A 645 -11.22 25.12 -14.85
N SER A 646 -11.03 25.16 -16.17
CA SER A 646 -9.75 25.52 -16.73
C SER A 646 -9.44 26.99 -16.46
N ASP A 647 -8.23 27.40 -16.82
CA ASP A 647 -7.84 28.80 -16.68
C ASP A 647 -8.52 29.62 -17.78
N THR A 648 -8.99 30.81 -17.40
CA THR A 648 -9.76 31.63 -18.33
C THR A 648 -8.95 31.99 -19.57
N ASN A 649 -7.62 32.02 -19.47
CA ASN A 649 -6.78 32.36 -20.60
C ASN A 649 -6.52 31.19 -21.53
N SER A 650 -6.78 29.97 -21.11
CA SER A 650 -6.51 28.80 -21.95
C SER A 650 -7.58 28.64 -23.02
N LYS A 651 -7.26 27.82 -24.02
CA LYS A 651 -8.19 27.54 -25.11
C LYS A 651 -9.35 26.65 -24.69
N LEU A 652 -9.35 26.15 -23.45
CA LEU A 652 -10.50 25.42 -22.93
C LEU A 652 -11.59 26.34 -22.38
N CYS A 653 -11.36 27.65 -22.37
CA CYS A 653 -12.37 28.61 -21.95
C CYS A 653 -12.68 29.64 -23.02
N LYS A 654 -12.04 29.56 -24.20
CA LYS A 654 -12.31 30.51 -25.27
C LYS A 654 -13.76 30.43 -25.72
N LEU A 655 -14.32 29.22 -25.78
CA LEU A 655 -15.70 28.98 -26.17
C LEU A 655 -16.70 29.33 -25.06
N CYS A 656 -16.23 29.59 -23.85
CA CYS A 656 -17.13 29.74 -22.71
C CYS A 656 -17.71 31.15 -22.67
N ILE A 657 -19.04 31.23 -22.62
CA ILE A 657 -19.76 32.50 -22.55
C ILE A 657 -20.12 32.72 -21.08
N GLY A 658 -19.49 33.73 -20.47
CA GLY A 658 -19.55 33.94 -19.03
C GLY A 658 -20.92 34.04 -18.40
N ASP A 659 -21.65 35.10 -18.70
CA ASP A 659 -22.95 35.33 -18.07
C ASP A 659 -23.76 36.28 -18.94
N PRO A 660 -24.98 35.91 -19.32
CA PRO A 660 -25.82 36.85 -20.08
C PRO A 660 -26.06 38.16 -19.33
N GLU A 661 -25.95 38.15 -18.00
CA GLU A 661 -25.98 39.38 -17.21
C GLU A 661 -24.54 39.70 -16.81
N ASN A 662 -23.83 40.35 -17.72
CA ASN A 662 -22.40 40.58 -17.54
C ASN A 662 -22.12 41.35 -16.26
N PRO A 663 -21.20 40.87 -15.41
CA PRO A 663 -20.85 41.52 -14.13
C PRO A 663 -20.05 42.81 -14.34
N SER A 666 -15.73 38.07 -13.82
CA SER A 666 -16.34 37.99 -15.15
C SER A 666 -17.26 36.78 -15.25
N THR A 667 -17.09 35.84 -14.32
CA THR A 667 -17.91 34.62 -14.24
C THR A 667 -17.84 33.78 -15.51
N ARG A 668 -16.76 33.91 -16.28
CA ARG A 668 -16.58 33.10 -17.48
C ARG A 668 -15.73 31.87 -17.14
N CYS A 669 -16.13 30.73 -17.70
CA CYS A 669 -15.48 29.45 -17.46
C CYS A 669 -15.50 29.11 -15.97
N SER A 670 -16.63 29.39 -15.32
CA SER A 670 -16.77 29.26 -13.87
C SER A 670 -17.55 27.99 -13.52
N LEU A 671 -17.33 27.53 -12.29
CA LEU A 671 -18.00 26.34 -11.75
C LEU A 671 -19.33 26.68 -11.11
N SER A 672 -20.15 27.46 -11.81
CA SER A 672 -21.46 27.86 -11.31
C SER A 672 -22.43 27.88 -12.47
N ASP A 673 -23.72 28.02 -12.14
CA ASP A 673 -24.72 28.26 -13.16
C ASP A 673 -24.54 29.60 -13.85
N LYS A 674 -23.69 30.47 -13.31
CA LYS A 674 -23.33 31.71 -13.99
C LYS A 674 -22.86 31.43 -15.40
N GLU A 675 -21.88 30.54 -15.55
CA GLU A 675 -21.46 30.10 -16.87
C GLU A 675 -22.59 29.37 -17.58
N ALA A 676 -22.98 29.89 -18.75
CA ALA A 676 -24.12 29.32 -19.47
C ALA A 676 -23.83 27.91 -19.96
N TYR A 677 -22.55 27.59 -20.22
CA TYR A 677 -22.18 26.29 -20.76
C TYR A 677 -21.77 25.30 -19.68
N TYR A 678 -22.05 25.61 -18.42
CA TYR A 678 -21.71 24.72 -17.31
C TYR A 678 -22.75 23.63 -17.15
N GLY A 679 -22.29 22.42 -16.85
CA GLY A 679 -23.19 21.34 -16.51
C GLY A 679 -23.66 20.53 -17.69
N ASN A 680 -24.59 19.62 -17.39
CA ASN A 680 -25.14 18.72 -18.40
C ASN A 680 -25.82 19.50 -19.53
N GLU A 681 -26.82 20.30 -19.18
CA GLU A 681 -27.50 21.12 -20.18
C GLU A 681 -26.55 22.15 -20.78
N GLY A 682 -25.62 22.67 -19.97
CA GLY A 682 -24.72 23.70 -20.48
C GLY A 682 -23.81 23.21 -21.58
N ALA A 683 -23.28 22.00 -21.44
CA ALA A 683 -22.46 21.44 -22.51
C ALA A 683 -23.28 21.15 -23.76
N PHE A 684 -24.56 20.83 -23.58
CA PHE A 684 -25.45 20.68 -24.73
C PHE A 684 -25.69 22.02 -25.42
N ARG A 685 -25.73 23.11 -24.65
CA ARG A 685 -25.81 24.45 -25.23
C ARG A 685 -24.59 24.74 -26.08
N CYS A 686 -23.39 24.50 -25.54
CA CYS A 686 -22.16 24.79 -26.25
C CYS A 686 -22.09 24.05 -27.58
N LEU A 687 -22.66 22.84 -27.64
CA LEU A 687 -22.63 22.08 -28.88
C LEU A 687 -23.46 22.74 -29.97
N VAL A 688 -24.72 23.09 -29.65
CA VAL A 688 -25.61 23.62 -30.67
C VAL A 688 -25.23 25.04 -31.05
N GLU A 689 -24.77 25.83 -30.09
CA GLU A 689 -24.46 27.23 -30.36
C GLU A 689 -23.15 27.37 -31.12
N LYS A 690 -22.02 27.03 -30.47
CA LYS A 690 -20.69 27.23 -31.03
C LYS A 690 -19.82 26.03 -30.64
N GLY A 691 -19.99 24.93 -31.35
CA GLY A 691 -19.20 23.73 -31.07
C GLY A 691 -19.63 22.60 -31.96
N ASP A 692 -18.79 21.56 -32.00
CA ASP A 692 -19.06 20.40 -32.84
C ASP A 692 -18.90 19.06 -32.12
N VAL A 693 -18.58 19.04 -30.83
CA VAL A 693 -18.59 17.82 -30.05
C VAL A 693 -18.77 18.19 -28.59
N ALA A 694 -19.56 17.37 -27.88
CA ALA A 694 -19.84 17.59 -26.46
C ALA A 694 -19.76 16.25 -25.73
N PHE A 695 -19.12 16.26 -24.57
CA PHE A 695 -18.94 15.06 -23.75
C PHE A 695 -19.89 15.16 -22.56
N VAL A 696 -20.92 14.32 -22.57
CA VAL A 696 -22.02 14.41 -21.61
C VAL A 696 -22.54 13.01 -21.29
N PRO A 697 -23.32 12.83 -20.22
CA PRO A 697 -24.06 11.58 -20.07
C PRO A 697 -25.08 11.41 -21.20
N HIS A 698 -25.48 10.16 -21.40
CA HIS A 698 -26.38 9.83 -22.50
C HIS A 698 -27.76 10.46 -22.36
N THR A 699 -28.12 10.89 -21.15
CA THR A 699 -29.46 11.41 -20.89
C THR A 699 -29.63 12.87 -21.29
N VAL A 700 -28.53 13.58 -21.56
CA VAL A 700 -28.61 15.03 -21.73
C VAL A 700 -29.40 15.40 -22.98
N VAL A 701 -29.19 14.66 -24.07
CA VAL A 701 -29.83 15.02 -25.33
C VAL A 701 -31.34 14.77 -25.26
N PHE A 702 -31.76 13.68 -24.61
CA PHE A 702 -33.20 13.43 -24.50
C PHE A 702 -33.87 14.41 -23.56
N ALA A 703 -33.13 14.93 -22.58
CA ALA A 703 -33.70 15.87 -21.62
C ALA A 703 -33.86 17.27 -22.19
N ASN A 704 -33.21 17.58 -23.32
CA ASN A 704 -33.23 18.93 -23.88
C ASN A 704 -33.66 18.97 -25.34
N THR A 705 -34.13 17.87 -25.90
CA THR A 705 -34.71 17.84 -27.23
C THR A 705 -36.18 17.38 -27.15
N ASP A 706 -36.82 17.31 -28.32
CA ASP A 706 -38.24 17.00 -28.42
C ASP A 706 -39.07 17.99 -27.59
N GLY A 707 -38.64 19.24 -27.56
CA GLY A 707 -39.35 20.28 -26.85
C GLY A 707 -39.43 20.09 -25.35
N LYS A 708 -38.53 19.29 -24.78
CA LYS A 708 -38.56 19.05 -23.34
C LYS A 708 -37.98 20.21 -22.53
N ASN A 709 -37.24 21.11 -23.17
CA ASN A 709 -36.74 22.30 -22.50
C ASN A 709 -37.40 23.52 -23.10
N PRO A 710 -38.12 24.32 -22.32
CA PRO A 710 -38.88 25.45 -22.90
C PRO A 710 -38.00 26.61 -23.35
N ALA A 711 -36.70 26.58 -23.07
CA ALA A 711 -35.83 27.69 -23.41
C ALA A 711 -35.78 27.90 -24.92
N GLU A 712 -35.39 29.11 -25.33
CA GLU A 712 -35.43 29.49 -26.74
C GLU A 712 -34.39 28.73 -27.56
N TRP A 713 -33.23 28.46 -26.97
CA TRP A 713 -32.18 27.75 -27.70
C TRP A 713 -32.58 26.30 -27.97
N ALA A 714 -33.27 25.66 -27.01
CA ALA A 714 -33.80 24.32 -27.20
C ALA A 714 -35.23 24.33 -27.72
N LYS A 715 -35.59 25.32 -28.52
CA LYS A 715 -36.93 25.46 -29.07
C LYS A 715 -37.32 24.26 -29.92
N ASP A 716 -37.92 23.24 -29.29
CA ASP A 716 -38.39 22.04 -30.00
C ASP A 716 -37.27 21.41 -30.82
N LEU A 717 -36.04 21.48 -30.29
CA LEU A 717 -34.92 20.85 -30.94
C LEU A 717 -35.13 19.33 -30.98
N LYS A 718 -34.67 18.70 -32.05
CA LYS A 718 -35.00 17.32 -32.33
C LYS A 718 -33.90 16.38 -31.85
N SER A 719 -34.31 15.22 -31.32
CA SER A 719 -33.34 14.21 -30.91
C SER A 719 -32.72 13.51 -32.10
N GLU A 720 -33.47 13.37 -33.20
CA GLU A 720 -32.93 12.78 -34.43
C GLU A 720 -31.92 13.69 -35.12
N ASP A 721 -31.71 14.91 -34.61
CA ASP A 721 -30.72 15.83 -35.17
C ASP A 721 -29.30 15.55 -34.69
N PHE A 722 -29.12 14.62 -33.75
CA PHE A 722 -27.84 14.38 -33.12
C PHE A 722 -27.50 12.90 -33.17
N GLU A 723 -26.19 12.60 -33.16
CA GLU A 723 -25.70 11.24 -33.10
C GLU A 723 -24.57 11.17 -32.09
N ILE A 724 -24.16 9.94 -31.78
CA ILE A 724 -23.06 9.69 -30.85
C ILE A 724 -21.94 8.98 -31.59
N LEU A 725 -20.71 9.30 -31.20
CA LEU A 725 -19.52 8.75 -31.83
C LEU A 725 -19.12 7.45 -31.15
N CYS A 726 -18.86 6.43 -31.94
CA CYS A 726 -18.32 5.17 -31.44
C CYS A 726 -16.80 5.17 -31.57
N LEU A 727 -16.15 4.36 -30.74
CA LEU A 727 -14.69 4.31 -30.72
C LEU A 727 -14.09 3.69 -31.97
N ASP A 728 -14.90 3.01 -32.80
CA ASP A 728 -14.41 2.38 -34.01
C ASP A 728 -14.50 3.29 -35.23
N GLY A 729 -14.69 4.60 -35.03
CA GLY A 729 -14.80 5.54 -36.11
C GLY A 729 -16.17 5.70 -36.70
N SER A 730 -17.13 4.86 -36.30
CA SER A 730 -18.49 4.93 -36.83
C SER A 730 -19.34 5.88 -35.99
N ARG A 731 -20.63 5.97 -36.35
CA ARG A 731 -21.60 6.76 -35.61
C ARG A 731 -22.86 5.95 -35.40
N ALA A 732 -23.77 6.49 -34.60
CA ALA A 732 -25.00 5.79 -34.24
C ALA A 732 -25.99 6.82 -33.71
N PRO A 733 -27.29 6.56 -33.81
CA PRO A 733 -28.27 7.49 -33.24
C PRO A 733 -28.19 7.50 -31.72
N VAL A 734 -28.61 8.62 -31.13
CA VAL A 734 -28.45 8.84 -29.69
C VAL A 734 -29.16 7.78 -28.86
N THR A 735 -30.06 7.01 -29.46
CA THR A 735 -30.79 6.00 -28.72
C THR A 735 -29.96 4.75 -28.42
N ASN A 736 -28.92 4.49 -29.20
CA ASN A 736 -28.09 3.29 -29.01
C ASN A 736 -26.88 3.57 -28.13
N TYR A 737 -27.07 4.32 -27.04
CA TYR A 737 -25.97 4.63 -26.14
C TYR A 737 -25.40 3.40 -25.45
N ARG A 738 -26.16 2.30 -25.41
CA ARG A 738 -25.68 1.10 -24.74
C ARG A 738 -24.56 0.43 -25.52
N GLY A 739 -24.51 0.62 -26.83
CA GLY A 739 -23.51 -0.03 -27.66
C GLY A 739 -22.55 0.92 -28.33
N CYS A 740 -22.76 2.23 -28.17
CA CYS A 740 -21.91 3.26 -28.78
C CYS A 740 -21.69 4.36 -27.75
N ASN A 741 -20.81 4.08 -26.78
CA ASN A 741 -20.49 5.04 -25.73
C ASN A 741 -18.98 5.06 -25.53
N LEU A 742 -18.51 6.11 -24.87
CA LEU A 742 -17.10 6.15 -24.46
C LEU A 742 -16.86 5.21 -23.29
N SER A 743 -17.73 5.26 -22.28
CA SER A 743 -17.72 4.28 -21.20
C SER A 743 -18.99 4.45 -20.37
N GLY A 744 -19.51 3.33 -19.89
CA GLY A 744 -20.55 3.35 -18.88
C GLY A 744 -19.94 3.41 -17.49
N LEU A 745 -20.55 4.20 -16.63
CA LEU A 745 -20.04 4.32 -15.28
C LEU A 745 -20.47 3.13 -14.44
N PRO A 746 -19.61 2.68 -13.51
CA PRO A 746 -20.04 1.70 -12.52
C PRO A 746 -20.91 2.37 -11.46
N PRO A 747 -21.77 1.61 -10.79
CA PRO A 747 -22.57 2.21 -9.73
C PRO A 747 -21.73 2.49 -8.49
N ARG A 748 -22.24 3.38 -7.64
CA ARG A 748 -21.65 3.58 -6.33
C ARG A 748 -21.75 2.29 -5.53
N ALA A 749 -20.74 2.04 -4.68
CA ALA A 749 -20.63 0.77 -4.00
C ALA A 749 -20.45 1.00 -2.49
N ILE A 750 -21.05 0.11 -1.71
CA ILE A 750 -20.81 0.03 -0.28
C ILE A 750 -19.68 -0.98 -0.07
N VAL A 751 -18.55 -0.52 0.45
CA VAL A 751 -17.35 -1.35 0.56
C VAL A 751 -17.15 -1.77 2.01
N THR A 752 -16.48 -2.90 2.18
CA THR A 752 -16.13 -3.43 3.49
C THR A 752 -14.93 -4.35 3.33
N ARG A 753 -14.45 -4.89 4.44
CA ARG A 753 -13.38 -5.88 4.41
C ARG A 753 -13.88 -7.18 3.78
N GLU A 754 -12.95 -7.96 3.23
CA GLU A 754 -13.30 -9.22 2.60
C GLU A 754 -14.08 -10.13 3.55
N GLU A 755 -13.58 -10.31 4.77
CA GLU A 755 -14.20 -11.23 5.72
C GLU A 755 -15.56 -10.76 6.20
N SER A 756 -15.94 -9.51 5.98
CA SER A 756 -17.19 -8.96 6.47
C SER A 756 -18.24 -8.76 5.40
N VAL A 757 -17.96 -9.14 4.15
CA VAL A 757 -18.91 -8.92 3.06
C VAL A 757 -20.23 -9.63 3.33
N SER A 758 -20.18 -10.88 3.77
CA SER A 758 -21.41 -11.65 3.96
C SER A 758 -22.28 -11.06 5.06
N ASP A 759 -21.68 -10.60 6.15
CA ASP A 759 -22.46 -9.98 7.23
C ASP A 759 -23.07 -8.67 6.78
N VAL A 760 -22.28 -7.81 6.14
CA VAL A 760 -22.79 -6.51 5.70
C VAL A 760 -23.92 -6.69 4.69
N VAL A 761 -23.77 -7.66 3.78
CA VAL A 761 -24.83 -7.92 2.81
C VAL A 761 -26.11 -8.36 3.53
N ARG A 762 -25.98 -9.29 4.47
CA ARG A 762 -27.16 -9.81 5.17
C ARG A 762 -27.83 -8.71 5.99
N ILE A 763 -27.05 -7.93 6.73
CA ILE A 763 -27.63 -6.90 7.60
C ILE A 763 -28.27 -5.79 6.76
N LEU A 764 -27.59 -5.36 5.69
CA LEU A 764 -28.13 -4.27 4.88
C LEU A 764 -29.39 -4.70 4.13
N ILE A 765 -29.40 -5.92 3.60
CA ILE A 765 -30.59 -6.39 2.88
C ILE A 765 -31.78 -6.47 3.82
N ASN A 766 -31.54 -6.89 5.08
CA ASN A 766 -32.62 -6.92 6.06
C ASN A 766 -33.10 -5.51 6.40
N GLN A 767 -32.16 -4.58 6.65
CA GLN A 767 -32.54 -3.20 6.91
C GLN A 767 -33.33 -2.62 5.75
N GLN A 768 -32.97 -3.01 4.52
CA GLN A 768 -33.66 -2.50 3.34
C GLN A 768 -35.09 -3.04 3.26
N SER A 769 -35.32 -4.27 3.72
CA SER A 769 -36.66 -4.82 3.73
C SER A 769 -37.57 -4.09 4.70
N LEU A 770 -37.02 -3.37 5.66
CA LEU A 770 -37.78 -2.60 6.63
C LEU A 770 -37.89 -1.12 6.27
N TYR A 771 -36.78 -0.52 5.86
CA TYR A 771 -36.72 0.93 5.68
C TYR A 771 -36.35 1.34 4.26
N GLY A 772 -36.40 0.42 3.31
CA GLY A 772 -36.23 0.75 1.91
C GLY A 772 -37.47 1.41 1.34
N ARG A 773 -37.48 1.55 0.01
CA ARG A 773 -38.58 2.25 -0.66
C ARG A 773 -39.89 1.48 -0.55
N ASN A 774 -39.82 0.15 -0.39
CA ASN A 774 -40.99 -0.67 -0.13
C ASN A 774 -40.89 -1.37 1.22
N GLY A 775 -40.16 -0.76 2.16
CA GLY A 775 -39.93 -1.41 3.43
C GLY A 775 -41.22 -1.59 4.22
N PHE A 776 -41.26 -2.69 4.98
CA PHE A 776 -42.44 -2.97 5.79
C PHE A 776 -42.64 -1.93 6.89
N GLU A 777 -41.56 -1.28 7.32
CA GLU A 777 -41.61 -0.28 8.38
C GLU A 777 -41.12 1.07 7.88
N LYS A 778 -41.43 1.40 6.62
CA LYS A 778 -40.91 2.63 6.04
C LYS A 778 -41.49 3.88 6.69
N ASP A 779 -42.56 3.76 7.48
CA ASP A 779 -43.07 4.91 8.21
C ASP A 779 -42.21 5.27 9.41
N MET A 780 -41.32 4.37 9.83
CA MET A 780 -40.46 4.68 10.97
C MET A 780 -39.11 5.24 10.56
N PHE A 781 -38.62 4.90 9.37
CA PHE A 781 -37.34 5.40 8.92
C PHE A 781 -37.20 5.09 7.44
N GLN A 782 -36.59 6.02 6.71
CA GLN A 782 -36.34 5.86 5.27
C GLN A 782 -34.83 5.96 5.04
N MET A 783 -34.25 4.89 4.48
CA MET A 783 -32.81 4.89 4.26
C MET A 783 -32.39 5.88 3.19
N PHE A 784 -33.23 6.10 2.17
CA PHE A 784 -32.82 6.83 0.98
C PHE A 784 -33.39 8.25 0.92
N SER A 785 -33.66 8.85 2.08
CA SER A 785 -34.02 10.26 2.14
C SER A 785 -33.72 10.76 3.55
N SER A 786 -33.81 12.09 3.70
CA SER A 786 -33.62 12.70 5.01
C SER A 786 -34.01 14.17 4.94
N ALA A 787 -34.58 14.68 6.02
CA ALA A 787 -34.80 16.11 6.17
C ALA A 787 -33.53 16.84 6.60
N LYS A 788 -32.51 16.10 7.02
CA LYS A 788 -31.26 16.71 7.49
C LYS A 788 -30.33 17.12 6.36
N GLY A 789 -30.61 16.72 5.13
CA GLY A 789 -29.75 17.07 4.03
C GLY A 789 -29.96 16.14 2.85
N GLN A 790 -29.19 16.39 1.80
CA GLN A 790 -29.30 15.65 0.55
C GLN A 790 -28.22 14.59 0.46
N ASN A 791 -28.61 13.39 0.00
CA ASN A 791 -27.69 12.29 -0.28
C ASN A 791 -26.84 11.95 0.93
N LEU A 792 -27.48 11.82 2.09
CA LEU A 792 -26.79 11.42 3.31
C LEU A 792 -26.70 9.91 3.36
N LEU A 793 -25.48 9.39 3.54
CA LEU A 793 -25.16 7.97 3.61
C LEU A 793 -25.33 7.30 2.25
N PHE A 794 -26.49 7.46 1.62
CA PHE A 794 -26.76 6.95 0.29
C PHE A 794 -27.25 8.10 -0.58
N ASN A 795 -27.16 7.91 -1.90
CA ASN A 795 -27.72 8.89 -2.81
C ASN A 795 -29.25 8.83 -2.76
N ASP A 796 -29.88 10.01 -2.75
CA ASP A 796 -31.33 10.08 -2.54
C ASP A 796 -32.12 9.42 -3.67
N GLU A 797 -31.56 9.32 -4.87
CA GLU A 797 -32.26 8.69 -5.99
C GLU A 797 -32.03 7.19 -6.06
N THR A 798 -31.35 6.61 -5.05
CA THR A 798 -31.13 5.17 -5.03
C THR A 798 -32.46 4.43 -4.95
N GLN A 799 -32.65 3.46 -5.85
CA GLN A 799 -33.86 2.66 -5.81
C GLN A 799 -33.77 1.59 -4.73
N CYS A 800 -32.61 0.93 -4.63
CA CYS A 800 -32.35 -0.06 -3.59
C CYS A 800 -30.87 -0.45 -3.71
N LEU A 801 -30.42 -1.27 -2.76
CA LEU A 801 -29.07 -1.79 -2.76
C LEU A 801 -29.08 -3.23 -3.25
N ILE A 802 -28.18 -3.54 -4.18
CA ILE A 802 -28.09 -4.86 -4.79
C ILE A 802 -26.75 -5.48 -4.41
N GLU A 803 -26.79 -6.73 -3.96
CA GLU A 803 -25.57 -7.46 -3.63
C GLU A 803 -24.66 -7.55 -4.85
N PHE A 804 -23.38 -7.25 -4.65
CA PHE A 804 -22.40 -7.35 -5.73
C PHE A 804 -22.15 -8.82 -6.05
N ASP A 805 -22.46 -9.21 -7.28
CA ASP A 805 -22.25 -10.58 -7.73
C ASP A 805 -20.79 -10.73 -8.16
N ARG A 806 -19.96 -11.20 -7.23
CA ARG A 806 -18.53 -11.33 -7.48
C ARG A 806 -18.28 -12.38 -8.55
N GLN A 807 -17.52 -12.01 -9.58
CA GLN A 807 -17.18 -12.88 -10.70
C GLN A 807 -15.75 -13.38 -10.57
N PRO A 808 -15.41 -14.50 -11.23
CA PRO A 808 -14.02 -14.99 -11.20
C PRO A 808 -13.10 -14.21 -12.14
N LYS A 809 -12.80 -12.98 -11.76
CA LYS A 809 -11.90 -12.12 -12.53
C LYS A 809 -11.24 -11.14 -11.57
N ASP A 810 -10.36 -10.30 -12.12
CA ASP A 810 -9.77 -9.22 -11.34
C ASP A 810 -10.86 -8.31 -10.80
N ILE A 811 -10.78 -7.99 -9.50
CA ILE A 811 -11.80 -7.15 -8.88
C ILE A 811 -11.85 -5.78 -9.55
N MET A 812 -10.72 -5.30 -10.07
CA MET A 812 -10.71 -4.02 -10.76
C MET A 812 -11.57 -4.08 -12.02
N GLU A 813 -11.36 -5.09 -12.85
CA GLU A 813 -12.23 -5.28 -14.00
C GLU A 813 -13.65 -5.64 -13.57
N ASP A 814 -13.77 -6.41 -12.48
CA ASP A 814 -15.09 -6.84 -12.02
C ASP A 814 -15.94 -5.65 -11.57
N TYR A 815 -15.38 -4.74 -10.79
CA TYR A 815 -16.18 -3.62 -10.32
C TYR A 815 -16.32 -2.52 -11.37
N PHE A 816 -15.21 -2.12 -12.00
CA PHE A 816 -15.24 -0.99 -12.91
C PHE A 816 -15.85 -1.32 -14.27
N GLY A 817 -15.84 -2.59 -14.67
CA GLY A 817 -16.15 -2.93 -16.05
C GLY A 817 -14.92 -2.72 -16.91
N VAL A 818 -14.72 -3.56 -17.91
CA VAL A 818 -13.46 -3.55 -18.65
C VAL A 818 -13.28 -2.23 -19.41
N ARG A 819 -14.37 -1.64 -19.90
CA ARG A 819 -14.26 -0.40 -20.66
C ARG A 819 -13.79 0.75 -19.77
N TYR A 820 -14.47 0.97 -18.64
CA TYR A 820 -14.08 2.03 -17.73
C TYR A 820 -12.68 1.80 -17.18
N TYR A 821 -12.39 0.57 -16.77
CA TYR A 821 -11.05 0.22 -16.27
C TYR A 821 -9.97 0.59 -17.28
N THR A 822 -10.22 0.33 -18.56
CA THR A 822 -9.24 0.63 -19.61
C THR A 822 -9.17 2.13 -19.88
N ALA A 823 -10.32 2.80 -19.95
CA ALA A 823 -10.33 4.20 -20.36
C ALA A 823 -9.69 5.10 -19.32
N VAL A 824 -9.92 4.83 -18.03
CA VAL A 824 -9.54 5.75 -16.97
C VAL A 824 -8.21 5.35 -16.34
N TYR A 825 -7.96 4.04 -16.25
CA TYR A 825 -6.80 3.53 -15.54
C TYR A 825 -5.88 2.69 -16.41
N SER A 826 -6.10 2.65 -17.72
CA SER A 826 -5.31 1.83 -18.66
C SER A 826 -5.33 0.36 -18.28
N ALA A 827 -6.38 -0.06 -17.58
CA ALA A 827 -6.53 -1.44 -17.11
C ALA A 827 -5.31 -1.88 -16.30
N SER A 828 -4.75 -0.94 -15.54
CA SER A 828 -3.51 -1.15 -14.81
C SER A 828 -3.75 -1.04 -13.30
N ARG A 829 -3.04 -1.87 -12.54
CA ARG A 829 -3.06 -1.79 -11.08
C ARG A 829 -1.93 -0.93 -10.54
N SER A 830 -1.33 -0.07 -11.37
CA SER A 830 -0.18 0.72 -10.99
C SER A 830 -0.47 2.20 -10.86
N ALA A 831 -1.70 2.63 -11.11
CA ALA A 831 -2.06 4.03 -10.91
C ALA A 831 -2.04 4.38 -9.42
N VAL A 832 -1.70 5.62 -9.12
CA VAL A 832 -1.66 6.09 -7.73
C VAL A 832 -2.50 7.35 -7.63
N PRO A 833 -3.84 7.25 -7.65
CA PRO A 833 -4.67 8.44 -7.47
C PRO A 833 -4.73 8.94 -6.04
N SER A 834 -4.18 8.19 -5.08
CA SER A 834 -4.16 8.60 -3.68
C SER A 834 -2.87 8.08 -3.05
N GLU A 835 -2.18 8.96 -2.31
CA GLU A 835 -0.94 8.57 -1.65
C GLU A 835 -1.16 7.54 -0.56
N LEU A 836 -2.40 7.21 -0.22
CA LEU A 836 -2.65 6.12 0.70
C LEU A 836 -2.29 4.76 0.09
N ILE A 837 -2.34 4.66 -1.24
CA ILE A 837 -2.15 3.35 -1.89
C ILE A 837 -0.78 2.74 -1.60
N PRO A 838 0.34 3.44 -1.75
CA PRO A 838 1.63 2.81 -1.40
C PRO A 838 1.70 2.36 0.05
N ALA A 839 0.97 3.01 0.96
CA ALA A 839 0.98 2.59 2.35
C ALA A 839 0.10 1.37 2.58
N CYS A 840 -1.11 1.35 2.01
CA CYS A 840 -2.02 0.23 2.25
C CYS A 840 -1.67 -1.01 1.44
N THR A 841 -0.78 -0.91 0.45
CA THR A 841 -0.32 -2.07 -0.29
C THR A 841 1.04 -2.57 0.16
N PHE A 842 1.63 -1.94 1.19
CA PHE A 842 2.90 -2.38 1.73
C PHE A 842 2.81 -3.83 2.20
N LYS A 843 3.76 -4.66 1.80
CA LYS A 843 3.71 -6.08 2.07
C LYS A 843 4.30 -6.40 3.45
N HIS A 844 3.79 -7.47 4.06
CA HIS A 844 4.07 -7.76 5.47
C HIS A 844 4.69 -9.15 5.65
N CYS A 845 5.28 -9.34 6.82
CA CYS A 845 5.91 -10.60 7.20
C CYS A 845 5.02 -11.30 8.22
N SER A 846 3.91 -11.84 7.73
CA SER A 846 2.89 -12.43 8.58
C SER A 846 2.82 -13.94 8.39
N ASN A 847 2.18 -14.59 9.34
CA ASN A 847 2.08 -16.05 9.41
C ASN A 847 0.62 -16.47 9.29
N SER A 848 0.41 -17.78 9.11
CA SER A 848 -0.93 -18.33 8.96
C SER A 848 -1.39 -19.05 10.23
#